data_2I4K
#
_entry.id   2I4K
#
_entity_poly.entity_id   1
_entity_poly.type   'polypeptide(L)'
_entity_poly.pdbx_seq_one_letter_code
;QFDLTVGITDPEKIGDGMNAYVAYKVTTQTSLPLFRSKQFAVKRRFSDFLGLYEKLSEKHSQNGFIVPPPPEKSLIGMTK
VKVGKEDSSSAEFLEKRRAALERYLQRIVNHPTMLQDPDVREFLEKEE
;
_entity_poly.pdbx_strand_id   A
#
# COMPACT_ATOMS: atom_id res chain seq x y z
N GLN A 1 9.16 6.04 -13.66
CA GLN A 1 7.87 5.39 -13.29
C GLN A 1 6.71 6.37 -13.39
N PHE A 2 6.58 7.24 -12.40
CA PHE A 2 5.51 8.24 -12.38
C PHE A 2 5.87 9.41 -11.47
N ASP A 3 7.17 9.63 -11.29
CA ASP A 3 7.65 10.72 -10.44
C ASP A 3 7.01 10.67 -9.06
N LEU A 4 6.56 9.48 -8.66
CA LEU A 4 5.94 9.29 -7.36
C LEU A 4 6.72 8.25 -6.56
N THR A 5 7.31 8.68 -5.44
CA THR A 5 8.10 7.79 -4.61
C THR A 5 7.66 7.84 -3.14
N VAL A 6 6.81 6.89 -2.75
CA VAL A 6 6.35 6.81 -1.38
C VAL A 6 7.03 5.65 -0.66
N GLY A 7 7.27 5.83 0.63
CA GLY A 7 7.88 4.78 1.42
C GLY A 7 7.15 4.57 2.72
N ILE A 8 6.52 3.41 2.86
CA ILE A 8 5.79 3.09 4.08
C ILE A 8 6.79 2.61 5.13
N THR A 9 6.75 3.21 6.33
CA THR A 9 7.70 2.82 7.37
C THR A 9 7.08 2.71 8.75
N ASP A 10 7.24 1.53 9.36
CA ASP A 10 6.77 1.22 10.69
C ASP A 10 5.32 1.61 10.94
N PRO A 11 4.66 0.81 11.78
CA PRO A 11 3.26 0.94 12.14
C PRO A 11 3.10 1.46 13.58
N GLU A 12 2.86 2.76 13.72
CA GLU A 12 2.69 3.36 15.04
C GLU A 12 1.26 3.23 15.53
N LYS A 13 1.10 3.17 16.85
CA LYS A 13 -0.22 3.06 17.45
C LYS A 13 -0.92 4.42 17.49
N ILE A 14 -2.16 4.46 17.03
CA ILE A 14 -2.92 5.70 16.98
C ILE A 14 -3.85 5.81 18.19
N GLY A 15 -4.84 4.92 18.26
CA GLY A 15 -5.77 4.94 19.37
C GLY A 15 -5.11 4.64 20.70
N ASP A 16 -5.86 4.79 21.78
CA ASP A 16 -5.34 4.54 23.12
C ASP A 16 -6.44 4.65 24.16
N GLY A 17 -6.55 3.64 25.01
CA GLY A 17 -7.57 3.63 26.05
C GLY A 17 -8.30 2.31 26.13
N MET A 18 -8.50 1.67 24.99
CA MET A 18 -9.20 0.39 24.93
C MET A 18 -8.82 -0.37 23.67
N ASN A 19 -9.24 0.15 22.53
CA ASN A 19 -8.95 -0.49 21.24
C ASN A 19 -8.23 0.49 20.32
N ALA A 20 -6.90 0.43 20.33
CA ALA A 20 -6.09 1.32 19.50
C ALA A 20 -5.76 0.67 18.16
N TYR A 21 -5.66 1.49 17.12
CA TYR A 21 -5.33 1.01 15.79
C TYR A 21 -4.05 1.65 15.28
N VAL A 22 -3.42 1.03 14.29
CA VAL A 22 -2.21 1.57 13.72
C VAL A 22 -2.50 2.31 12.43
N ALA A 23 -1.70 3.31 12.16
CA ALA A 23 -1.81 4.12 10.97
C ALA A 23 -0.79 3.69 9.93
N TYR A 24 -0.74 4.40 8.81
CA TYR A 24 0.20 4.10 7.74
C TYR A 24 0.89 5.35 7.23
N LYS A 25 2.20 5.45 7.47
CA LYS A 25 2.97 6.60 7.03
C LYS A 25 3.35 6.49 5.56
N VAL A 26 2.48 7.02 4.71
CA VAL A 26 2.71 7.00 3.27
C VAL A 26 3.25 8.35 2.80
N THR A 27 4.57 8.47 2.78
CA THR A 27 5.22 9.71 2.36
C THR A 27 5.41 9.75 0.85
N THR A 28 4.30 9.97 0.13
CA THR A 28 4.34 10.04 -1.32
C THR A 28 4.84 11.41 -1.77
N GLN A 29 5.55 11.45 -2.90
CA GLN A 29 6.09 12.70 -3.42
C GLN A 29 6.02 12.74 -4.93
N THR A 30 5.27 13.72 -5.45
CA THR A 30 5.14 13.88 -6.89
C THR A 30 5.07 15.35 -7.26
N SER A 31 6.20 15.87 -7.71
CA SER A 31 6.30 17.27 -8.10
C SER A 31 5.52 17.55 -9.39
N LEU A 32 5.16 16.48 -10.10
CA LEU A 32 4.42 16.60 -11.35
C LEU A 32 3.20 17.51 -11.17
N PRO A 33 2.66 18.04 -12.29
CA PRO A 33 1.50 18.92 -12.26
C PRO A 33 0.18 18.14 -12.22
N LEU A 34 0.11 17.16 -11.31
CA LEU A 34 -1.08 16.34 -11.17
C LEU A 34 -1.77 16.60 -9.84
N PHE A 35 -1.05 16.34 -8.75
CA PHE A 35 -1.60 16.55 -7.41
C PHE A 35 -0.50 16.54 -6.35
N ARG A 36 -0.91 16.45 -5.09
CA ARG A 36 0.03 16.42 -3.97
C ARG A 36 0.72 17.77 -3.80
N SER A 37 1.63 18.08 -4.73
CA SER A 37 2.37 19.35 -4.68
C SER A 37 3.19 19.46 -3.39
N LYS A 38 4.50 19.57 -3.55
CA LYS A 38 5.40 19.70 -2.41
C LYS A 38 5.47 18.40 -1.61
N GLN A 39 4.86 17.33 -2.14
CA GLN A 39 4.85 16.02 -1.48
C GLN A 39 4.46 16.12 -0.01
N PHE A 40 4.36 14.98 0.65
CA PHE A 40 3.99 14.93 2.07
C PHE A 40 3.72 13.50 2.53
N ALA A 41 3.19 13.39 3.73
CA ALA A 41 2.86 12.09 4.32
C ALA A 41 1.42 12.06 4.81
N VAL A 42 0.73 10.96 4.55
CA VAL A 42 -0.66 10.81 4.97
C VAL A 42 -0.80 9.65 5.96
N LYS A 43 -1.74 9.79 6.89
CA LYS A 43 -1.97 8.78 7.91
C LYS A 43 -3.33 8.12 7.74
N ARG A 44 -3.34 6.80 7.58
CA ARG A 44 -4.57 6.04 7.42
C ARG A 44 -4.43 4.63 7.99
N ARG A 45 -5.55 3.99 8.29
CA ARG A 45 -5.53 2.64 8.85
C ARG A 45 -5.41 1.59 7.75
N PHE A 46 -5.03 0.37 8.14
CA PHE A 46 -4.87 -0.72 7.19
C PHE A 46 -6.21 -1.14 6.61
N SER A 47 -7.25 -1.16 7.44
CA SER A 47 -8.58 -1.55 7.01
C SER A 47 -8.99 -0.77 5.77
N ASP A 48 -8.49 0.46 5.65
CA ASP A 48 -8.81 1.30 4.52
C ASP A 48 -7.92 0.96 3.32
N PHE A 49 -6.62 0.92 3.56
CA PHE A 49 -5.66 0.61 2.50
C PHE A 49 -5.93 -0.78 1.91
N LEU A 50 -6.44 -1.68 2.74
CA LEU A 50 -6.75 -3.03 2.30
C LEU A 50 -7.70 -3.01 1.10
N GLY A 51 -8.58 -2.02 1.07
CA GLY A 51 -9.54 -1.91 -0.03
C GLY A 51 -8.87 -1.98 -1.39
N LEU A 52 -7.60 -1.59 -1.46
CA LEU A 52 -6.84 -1.62 -2.70
C LEU A 52 -6.27 -3.01 -2.91
N TYR A 53 -5.51 -3.44 -1.92
CA TYR A 53 -4.88 -4.75 -1.97
C TYR A 53 -5.92 -5.83 -2.24
N GLU A 54 -7.11 -5.65 -1.67
CA GLU A 54 -8.20 -6.61 -1.86
C GLU A 54 -8.84 -6.44 -3.24
N LYS A 55 -9.23 -5.20 -3.56
CA LYS A 55 -9.86 -4.89 -4.83
C LYS A 55 -8.95 -5.22 -6.01
N LEU A 56 -7.65 -4.97 -5.83
CA LEU A 56 -6.67 -5.23 -6.86
C LEU A 56 -6.87 -6.61 -7.49
N SER A 57 -7.06 -7.62 -6.64
CA SER A 57 -7.28 -8.98 -7.10
C SER A 57 -8.69 -9.15 -7.65
N GLU A 58 -9.64 -8.41 -7.07
CA GLU A 58 -11.03 -8.46 -7.50
C GLU A 58 -11.18 -8.25 -9.00
N LYS A 59 -10.21 -7.56 -9.60
CA LYS A 59 -10.25 -7.28 -11.03
C LYS A 59 -10.43 -8.55 -11.85
N HIS A 60 -10.04 -9.68 -11.28
CA HIS A 60 -10.17 -10.97 -11.97
C HIS A 60 -9.84 -12.13 -11.04
N SER A 61 -9.85 -13.35 -11.59
CA SER A 61 -9.56 -14.54 -10.80
C SER A 61 -8.30 -15.23 -11.31
N GLN A 62 -8.07 -15.17 -12.62
CA GLN A 62 -6.90 -15.81 -13.21
C GLN A 62 -6.13 -14.83 -14.09
N ASN A 63 -6.74 -14.40 -15.19
CA ASN A 63 -6.11 -13.46 -16.11
C ASN A 63 -6.31 -12.02 -15.66
N GLY A 64 -5.38 -11.15 -16.03
CA GLY A 64 -5.48 -9.76 -15.66
C GLY A 64 -4.82 -9.46 -14.32
N PHE A 65 -3.54 -9.82 -14.20
CA PHE A 65 -2.80 -9.59 -12.97
C PHE A 65 -3.51 -10.23 -11.77
N ILE A 66 -3.21 -11.50 -11.53
CA ILE A 66 -3.82 -12.22 -10.42
C ILE A 66 -2.89 -12.26 -9.22
N VAL A 67 -2.15 -11.17 -9.02
CA VAL A 67 -1.21 -11.09 -7.91
C VAL A 67 -1.36 -9.76 -7.16
N PRO A 68 -2.09 -9.75 -6.03
CA PRO A 68 -2.30 -8.54 -5.22
C PRO A 68 -0.98 -7.91 -4.80
N PRO A 69 -0.01 -8.74 -4.35
CA PRO A 69 1.31 -8.26 -3.91
C PRO A 69 1.96 -7.34 -4.94
N PRO A 70 3.27 -7.04 -4.77
CA PRO A 70 4.00 -6.16 -5.71
C PRO A 70 3.73 -6.51 -7.17
N PRO A 71 4.23 -5.68 -8.11
CA PRO A 71 4.04 -5.90 -9.54
C PRO A 71 4.24 -7.37 -9.94
N GLU A 72 5.21 -8.01 -9.32
CA GLU A 72 5.51 -9.42 -9.62
C GLU A 72 5.80 -10.18 -8.33
N LYS A 73 6.09 -11.48 -8.47
CA LYS A 73 6.39 -12.32 -7.33
C LYS A 73 7.68 -11.88 -6.64
N SER A 74 7.54 -11.20 -5.51
CA SER A 74 8.69 -10.72 -4.76
C SER A 74 8.81 -11.44 -3.41
N LEU A 75 8.58 -12.74 -3.43
CA LEU A 75 8.66 -13.55 -2.21
C LEU A 75 7.53 -13.21 -1.25
N ILE A 76 7.55 -11.98 -0.74
CA ILE A 76 6.52 -11.53 0.20
C ILE A 76 5.12 -11.81 -0.34
N GLY A 77 4.93 -11.58 -1.63
CA GLY A 77 3.63 -11.81 -2.25
C GLY A 77 3.14 -13.23 -2.04
N MET A 78 3.41 -14.10 -3.01
CA MET A 78 2.98 -15.49 -2.92
C MET A 78 4.19 -16.43 -2.87
N THR A 79 4.18 -17.33 -1.90
CA THR A 79 5.28 -18.29 -1.73
C THR A 79 4.86 -19.44 -0.82
N LYS A 80 4.51 -19.10 0.42
CA LYS A 80 4.09 -20.11 1.39
C LYS A 80 3.23 -19.49 2.49
N VAL A 81 2.37 -18.54 2.09
CA VAL A 81 1.50 -17.87 3.05
C VAL A 81 0.62 -18.87 3.80
N LYS A 82 0.02 -19.80 3.05
CA LYS A 82 -0.83 -20.82 3.64
C LYS A 82 -2.11 -20.20 4.19
N VAL A 83 -1.98 -19.43 5.28
CA VAL A 83 -3.13 -18.78 5.90
C VAL A 83 -3.80 -17.81 4.93
N GLY A 84 -4.86 -17.15 5.41
CA GLY A 84 -5.57 -16.20 4.58
C GLY A 84 -5.58 -14.80 5.17
N LYS A 85 -6.46 -14.59 6.15
CA LYS A 85 -6.57 -13.30 6.81
C LYS A 85 -5.32 -12.98 7.62
N GLU A 86 -5.38 -11.92 8.43
CA GLU A 86 -4.26 -11.52 9.25
C GLU A 86 -4.06 -12.49 10.41
N ASP A 87 -2.80 -12.63 10.85
CA ASP A 87 -2.48 -13.53 11.95
C ASP A 87 -1.42 -12.92 12.85
N SER A 88 -0.35 -12.39 12.24
CA SER A 88 0.73 -11.77 12.99
C SER A 88 1.41 -12.78 13.91
N SER A 89 2.72 -12.95 13.72
CA SER A 89 3.49 -13.88 14.54
C SER A 89 4.31 -13.13 15.60
N SER A 90 4.72 -11.91 15.26
CA SER A 90 5.50 -11.09 16.17
C SER A 90 5.25 -9.61 15.94
N ALA A 91 5.79 -8.78 16.82
CA ALA A 91 5.62 -7.34 16.71
C ALA A 91 6.26 -6.81 15.42
N GLU A 92 7.48 -7.26 15.15
CA GLU A 92 8.20 -6.83 13.95
C GLU A 92 7.47 -7.25 12.68
N PHE A 93 6.72 -8.35 12.78
CA PHE A 93 5.96 -8.87 11.64
C PHE A 93 5.03 -7.80 11.09
N LEU A 94 4.45 -7.00 11.97
CA LEU A 94 3.53 -5.93 11.57
C LEU A 94 4.20 -4.97 10.60
N GLU A 95 5.51 -4.82 10.73
CA GLU A 95 6.26 -3.91 9.87
C GLU A 95 6.52 -4.55 8.51
N LYS A 96 6.68 -5.87 8.49
CA LYS A 96 6.93 -6.58 7.24
C LYS A 96 5.83 -6.34 6.23
N ARG A 97 4.59 -6.30 6.71
CA ARG A 97 3.43 -6.07 5.85
C ARG A 97 3.42 -4.64 5.32
N ARG A 98 3.94 -3.72 6.11
CA ARG A 98 3.99 -2.32 5.72
C ARG A 98 4.88 -2.12 4.50
N ALA A 99 6.09 -2.66 4.57
CA ALA A 99 7.05 -2.56 3.48
C ALA A 99 6.42 -3.00 2.16
N ALA A 100 5.90 -4.23 2.13
CA ALA A 100 5.27 -4.77 0.93
C ALA A 100 4.12 -3.89 0.45
N LEU A 101 3.45 -3.23 1.40
CA LEU A 101 2.32 -2.38 1.06
C LEU A 101 2.75 -1.28 0.09
N GLU A 102 3.96 -0.76 0.29
CA GLU A 102 4.49 0.26 -0.60
C GLU A 102 4.87 -0.34 -1.94
N ARG A 103 5.40 -1.55 -1.90
CA ARG A 103 5.80 -2.24 -3.13
C ARG A 103 4.60 -2.37 -4.06
N TYR A 104 3.48 -2.84 -3.52
CA TYR A 104 2.27 -2.98 -4.31
C TYR A 104 1.69 -1.61 -4.63
N LEU A 105 1.84 -0.67 -3.69
CA LEU A 105 1.34 0.69 -3.87
C LEU A 105 2.03 1.37 -5.04
N GLN A 106 3.35 1.18 -5.13
CA GLN A 106 4.14 1.78 -6.20
C GLN A 106 3.58 1.45 -7.58
N ARG A 107 3.17 0.20 -7.77
CA ARG A 107 2.64 -0.23 -9.06
C ARG A 107 1.36 0.51 -9.40
N ILE A 108 0.42 0.56 -8.46
CA ILE A 108 -0.84 1.26 -8.71
C ILE A 108 -0.58 2.75 -8.92
N VAL A 109 0.22 3.34 -8.04
CA VAL A 109 0.55 4.75 -8.16
C VAL A 109 1.38 4.97 -9.42
N ASN A 110 2.15 3.94 -9.80
CA ASN A 110 3.00 4.00 -10.98
C ASN A 110 2.18 4.19 -12.26
N HIS A 111 1.24 3.28 -12.51
CA HIS A 111 0.41 3.35 -13.72
C HIS A 111 -0.98 3.86 -13.40
N PRO A 112 -1.42 4.95 -14.05
CA PRO A 112 -2.76 5.51 -13.84
C PRO A 112 -3.86 4.56 -14.27
N THR A 113 -3.56 3.71 -15.25
CA THR A 113 -4.52 2.75 -15.76
C THR A 113 -4.63 1.54 -14.82
N MET A 114 -3.53 1.16 -14.18
CA MET A 114 -3.51 0.02 -13.28
C MET A 114 -4.57 0.19 -12.18
N LEU A 115 -4.48 1.29 -11.44
CA LEU A 115 -5.44 1.56 -10.37
C LEU A 115 -6.87 1.36 -10.84
N GLN A 116 -7.21 2.01 -11.96
CA GLN A 116 -8.55 1.90 -12.54
C GLN A 116 -9.61 2.52 -11.64
N ASP A 117 -9.86 1.89 -10.50
CA ASP A 117 -10.88 2.38 -9.57
C ASP A 117 -10.59 3.83 -9.15
N PRO A 118 -11.59 4.72 -9.29
CA PRO A 118 -11.43 6.14 -8.92
C PRO A 118 -10.91 6.31 -7.51
N ASP A 119 -11.20 5.34 -6.65
CA ASP A 119 -10.76 5.40 -5.26
C ASP A 119 -9.28 5.07 -5.16
N VAL A 120 -8.85 4.05 -5.88
CA VAL A 120 -7.46 3.64 -5.86
C VAL A 120 -6.58 4.77 -6.34
N ARG A 121 -7.01 5.43 -7.40
CA ARG A 121 -6.27 6.55 -7.95
C ARG A 121 -6.09 7.62 -6.88
N GLU A 122 -7.05 7.70 -5.95
CA GLU A 122 -6.97 8.68 -4.87
C GLU A 122 -6.77 8.01 -3.52
N PHE A 123 -6.41 6.72 -3.52
CA PHE A 123 -6.18 6.01 -2.26
C PHE A 123 -4.79 6.28 -1.73
N LEU A 124 -3.82 6.40 -2.64
CA LEU A 124 -2.43 6.66 -2.26
C LEU A 124 -2.32 7.91 -1.40
N GLU A 125 -3.31 8.79 -1.49
CA GLU A 125 -3.31 10.02 -0.71
C GLU A 125 -4.48 10.07 0.27
N LYS A 126 -5.28 9.00 0.30
CA LYS A 126 -6.43 8.92 1.19
C LYS A 126 -6.02 9.17 2.64
N GLU A 127 -6.59 10.22 3.24
CA GLU A 127 -6.29 10.57 4.62
C GLU A 127 -7.24 9.87 5.58
N GLU A 128 -8.48 10.37 5.66
CA GLU A 128 -9.48 9.80 6.53
C GLU A 128 -10.80 10.55 6.42
N GLN A 1 9.53 4.80 -12.82
CA GLN A 1 8.65 4.87 -14.01
C GLN A 1 7.80 6.14 -14.01
N PHE A 2 6.91 6.24 -13.03
CA PHE A 2 6.04 7.41 -12.90
C PHE A 2 6.66 8.47 -11.99
N ASP A 3 7.91 8.26 -11.60
CA ASP A 3 8.61 9.20 -10.74
C ASP A 3 7.93 9.30 -9.37
N LEU A 4 7.08 8.32 -9.05
CA LEU A 4 6.38 8.32 -7.77
C LEU A 4 7.08 7.41 -6.77
N THR A 5 7.71 8.01 -5.77
CA THR A 5 8.43 7.25 -4.74
C THR A 5 7.83 7.49 -3.37
N VAL A 6 7.39 6.43 -2.73
CA VAL A 6 6.80 6.52 -1.39
C VAL A 6 7.44 5.52 -0.44
N GLY A 7 7.66 5.95 0.79
CA GLY A 7 8.26 5.08 1.78
C GLY A 7 7.36 4.91 2.99
N ILE A 8 6.85 3.70 3.18
CA ILE A 8 5.97 3.43 4.30
C ILE A 8 6.77 3.19 5.58
N THR A 9 6.58 4.06 6.56
CA THR A 9 7.27 3.96 7.84
C THR A 9 6.46 4.67 8.93
N ASP A 10 6.32 4.01 10.08
CA ASP A 10 5.56 4.56 11.22
C ASP A 10 4.40 3.63 11.62
N PRO A 11 3.83 2.86 10.68
CA PRO A 11 2.70 1.97 10.96
C PRO A 11 2.83 1.23 12.29
N GLU A 12 2.02 1.65 13.25
CA GLU A 12 2.00 1.05 14.57
C GLU A 12 0.56 0.87 15.04
N LYS A 13 0.37 0.25 16.19
CA LYS A 13 -0.96 0.03 16.72
C LYS A 13 -1.51 1.30 17.35
N ILE A 14 -2.35 2.01 16.61
CA ILE A 14 -2.96 3.25 17.08
C ILE A 14 -4.32 2.97 17.74
N GLY A 15 -5.39 2.98 16.94
CA GLY A 15 -6.72 2.72 17.46
C GLY A 15 -6.95 3.27 18.85
N ASP A 16 -7.12 2.37 19.82
CA ASP A 16 -7.35 2.76 21.20
C ASP A 16 -6.56 1.87 22.16
N GLY A 17 -6.90 0.59 22.17
CA GLY A 17 -6.23 -0.36 23.04
C GLY A 17 -6.13 -1.74 22.43
N MET A 18 -7.09 -2.60 22.74
CA MET A 18 -7.11 -3.96 22.22
C MET A 18 -7.37 -3.95 20.71
N ASN A 19 -8.63 -3.74 20.34
CA ASN A 19 -8.99 -3.69 18.93
C ASN A 19 -8.63 -2.35 18.32
N ALA A 20 -7.33 -2.14 18.10
CA ALA A 20 -6.83 -0.90 17.53
C ALA A 20 -6.37 -1.08 16.09
N TYR A 21 -6.27 0.02 15.35
CA TYR A 21 -5.84 -0.02 13.96
C TYR A 21 -4.45 0.58 13.83
N VAL A 22 -3.89 0.54 12.62
CA VAL A 22 -2.59 1.11 12.38
C VAL A 22 -2.67 2.21 11.33
N ALA A 23 -1.82 3.20 11.50
CA ALA A 23 -1.76 4.33 10.61
C ALA A 23 -0.63 4.17 9.59
N TYR A 24 -1.00 4.10 8.32
CA TYR A 24 -0.01 3.94 7.25
C TYR A 24 0.50 5.29 6.76
N LYS A 25 1.68 5.68 7.24
CA LYS A 25 2.28 6.95 6.85
C LYS A 25 2.91 6.83 5.47
N VAL A 26 2.11 7.12 4.44
CA VAL A 26 2.57 7.05 3.07
C VAL A 26 3.09 8.40 2.59
N THR A 27 4.40 8.58 2.61
CA THR A 27 5.02 9.82 2.17
C THR A 27 5.45 9.73 0.72
N THR A 28 4.47 9.80 -0.18
CA THR A 28 4.74 9.72 -1.61
C THR A 28 5.36 11.02 -2.11
N GLN A 29 6.22 10.90 -3.11
CA GLN A 29 6.88 12.07 -3.68
C GLN A 29 7.06 11.90 -5.19
N THR A 30 6.32 12.69 -5.95
CA THR A 30 6.41 12.64 -7.40
C THR A 30 6.66 14.02 -7.98
N SER A 31 7.91 14.27 -8.32
CA SER A 31 8.31 15.55 -8.87
C SER A 31 7.96 15.63 -10.36
N LEU A 32 6.67 15.51 -10.65
CA LEU A 32 6.21 15.56 -12.03
C LEU A 32 5.07 16.57 -12.18
N PRO A 33 4.86 17.08 -13.40
CA PRO A 33 3.80 18.07 -13.68
C PRO A 33 2.42 17.41 -13.74
N LEU A 34 2.04 16.72 -12.67
CA LEU A 34 0.75 16.05 -12.61
C LEU A 34 0.02 16.37 -11.31
N PHE A 35 0.55 15.85 -10.20
CA PHE A 35 -0.07 16.06 -8.90
C PHE A 35 0.96 16.02 -7.77
N ARG A 36 0.49 16.16 -6.54
CA ARG A 36 1.35 16.12 -5.35
C ARG A 36 2.30 17.31 -5.32
N SER A 37 3.25 17.34 -6.24
CA SER A 37 4.23 18.42 -6.29
C SER A 37 5.14 18.37 -5.07
N LYS A 38 6.44 18.24 -5.32
CA LYS A 38 7.43 18.17 -4.24
C LYS A 38 7.32 16.84 -3.50
N GLN A 39 6.39 16.75 -2.56
CA GLN A 39 6.18 15.53 -1.78
C GLN A 39 5.21 15.77 -0.63
N PHE A 40 4.51 14.72 -0.22
CA PHE A 40 3.55 14.83 0.88
C PHE A 40 3.58 13.59 1.77
N ALA A 41 2.53 13.45 2.57
CA ALA A 41 2.39 12.32 3.48
C ALA A 41 0.92 12.03 3.75
N VAL A 42 0.58 10.74 3.81
CA VAL A 42 -0.79 10.34 4.07
C VAL A 42 -0.86 9.19 5.07
N LYS A 43 -1.69 9.36 6.09
CA LYS A 43 -1.86 8.33 7.11
C LYS A 43 -3.29 7.83 7.18
N ARG A 44 -3.48 6.54 6.94
CA ARG A 44 -4.81 5.94 6.97
C ARG A 44 -4.83 4.68 7.82
N ARG A 45 -6.02 4.30 8.27
CA ARG A 45 -6.16 3.10 9.09
C ARG A 45 -6.10 1.85 8.22
N PHE A 46 -5.74 0.73 8.83
CA PHE A 46 -5.65 -0.54 8.10
C PHE A 46 -6.94 -0.84 7.36
N SER A 47 -8.05 -0.37 7.91
CA SER A 47 -9.36 -0.60 7.31
C SER A 47 -9.52 0.18 6.01
N ASP A 48 -8.87 1.34 5.92
CA ASP A 48 -8.95 2.17 4.73
C ASP A 48 -8.12 1.61 3.59
N PHE A 49 -6.85 1.31 3.86
CA PHE A 49 -5.97 0.76 2.85
C PHE A 49 -6.48 -0.57 2.34
N LEU A 50 -7.23 -1.28 3.17
CA LEU A 50 -7.79 -2.57 2.81
C LEU A 50 -8.58 -2.49 1.50
N GLY A 51 -9.21 -1.34 1.29
CA GLY A 51 -10.00 -1.14 0.08
C GLY A 51 -9.24 -1.55 -1.18
N LEU A 52 -7.94 -1.30 -1.19
CA LEU A 52 -7.11 -1.65 -2.34
C LEU A 52 -6.68 -3.10 -2.25
N TYR A 53 -6.07 -3.42 -1.13
CA TYR A 53 -5.59 -4.78 -0.88
C TYR A 53 -6.69 -5.81 -1.09
N GLU A 54 -7.88 -5.49 -0.60
CA GLU A 54 -9.02 -6.39 -0.73
C GLU A 54 -9.59 -6.36 -2.14
N LYS A 55 -9.67 -5.16 -2.72
CA LYS A 55 -10.20 -4.98 -4.07
C LYS A 55 -9.33 -5.70 -5.10
N LEU A 56 -8.02 -5.46 -5.03
CA LEU A 56 -7.09 -6.08 -5.96
C LEU A 56 -7.06 -7.59 -5.80
N SER A 57 -6.95 -8.05 -4.54
CA SER A 57 -6.91 -9.47 -4.24
C SER A 57 -8.17 -10.17 -4.76
N GLU A 58 -9.31 -9.49 -4.63
CA GLU A 58 -10.58 -10.05 -5.09
C GLU A 58 -10.64 -10.10 -6.61
N LYS A 59 -10.21 -9.02 -7.25
CA LYS A 59 -10.21 -8.94 -8.70
C LYS A 59 -9.31 -10.00 -9.32
N HIS A 60 -8.32 -10.45 -8.56
CA HIS A 60 -7.37 -11.46 -9.03
C HIS A 60 -6.55 -10.96 -10.20
N SER A 61 -7.17 -10.90 -11.38
CA SER A 61 -6.49 -10.44 -12.58
C SER A 61 -7.39 -9.52 -13.40
N GLN A 62 -6.83 -8.90 -14.44
CA GLN A 62 -7.59 -8.01 -15.30
C GLN A 62 -6.75 -7.55 -16.48
N ASN A 63 -7.36 -7.55 -17.66
CA ASN A 63 -6.67 -7.13 -18.88
C ASN A 63 -7.04 -5.69 -19.25
N GLY A 64 -6.13 -5.01 -19.95
CA GLY A 64 -6.39 -3.64 -20.35
C GLY A 64 -5.30 -2.69 -19.87
N PHE A 65 -4.20 -3.23 -19.39
CA PHE A 65 -3.09 -2.41 -18.90
C PHE A 65 -1.91 -2.47 -19.87
N ILE A 66 -2.12 -1.99 -21.09
CA ILE A 66 -1.08 -2.01 -22.12
C ILE A 66 -0.78 -3.43 -22.58
N VAL A 67 -0.27 -4.24 -21.68
CA VAL A 67 0.06 -5.64 -21.99
C VAL A 67 -1.04 -6.56 -21.47
N PRO A 68 -1.30 -7.68 -22.20
CA PRO A 68 -2.34 -8.64 -21.80
C PRO A 68 -2.20 -9.11 -20.35
N PRO A 69 -0.97 -9.45 -19.93
CA PRO A 69 -0.72 -9.92 -18.56
C PRO A 69 -1.32 -8.99 -17.50
N PRO A 70 -1.81 -9.53 -16.38
CA PRO A 70 -2.40 -8.74 -15.30
C PRO A 70 -1.48 -7.63 -14.80
N PRO A 71 -1.99 -6.75 -13.93
CA PRO A 71 -1.20 -5.64 -13.38
C PRO A 71 0.10 -6.11 -12.76
N GLU A 72 0.02 -7.13 -11.92
CA GLU A 72 1.20 -7.68 -11.26
C GLU A 72 0.82 -8.88 -10.38
N LYS A 73 -0.37 -8.83 -9.79
CA LYS A 73 -0.85 -9.92 -8.92
C LYS A 73 -0.18 -9.87 -7.55
N SER A 74 0.44 -8.75 -7.23
CA SER A 74 1.13 -8.58 -5.95
C SER A 74 2.35 -9.49 -5.84
N LEU A 75 2.12 -10.80 -5.84
CA LEU A 75 3.21 -11.77 -5.74
C LEU A 75 3.99 -11.57 -4.45
N ILE A 76 3.28 -11.28 -3.36
CA ILE A 76 3.92 -11.07 -2.07
C ILE A 76 2.97 -11.45 -0.93
N GLY A 77 2.48 -12.69 -0.97
CA GLY A 77 1.58 -13.16 0.07
C GLY A 77 1.09 -14.57 -0.18
N MET A 78 1.97 -15.41 -0.71
CA MET A 78 1.62 -16.80 -1.00
C MET A 78 2.70 -17.75 -0.49
N THR A 79 2.51 -18.26 0.72
CA THR A 79 3.47 -19.19 1.33
C THR A 79 2.82 -20.55 1.59
N LYS A 80 3.49 -21.36 2.40
CA LYS A 80 2.99 -22.69 2.73
C LYS A 80 1.61 -22.60 3.38
N VAL A 81 0.90 -23.72 3.41
CA VAL A 81 -0.44 -23.77 4.00
C VAL A 81 -0.42 -23.33 5.45
N LYS A 82 0.53 -23.86 6.22
CA LYS A 82 0.64 -23.52 7.63
C LYS A 82 1.95 -24.07 8.23
N VAL A 83 1.89 -24.51 9.50
CA VAL A 83 3.06 -25.06 10.19
C VAL A 83 4.25 -24.10 10.13
N GLY A 84 5.24 -24.35 10.98
CA GLY A 84 6.41 -23.51 11.03
C GLY A 84 6.18 -22.24 11.82
N LYS A 85 6.55 -22.24 13.09
CA LYS A 85 6.37 -21.08 13.96
C LYS A 85 7.01 -19.84 13.34
N GLU A 86 6.17 -18.95 12.83
CA GLU A 86 6.66 -17.72 12.21
C GLU A 86 5.78 -16.54 12.61
N ASP A 87 6.39 -15.53 13.21
CA ASP A 87 5.67 -14.34 13.64
C ASP A 87 4.65 -14.68 14.71
N SER A 88 4.57 -13.84 15.75
CA SER A 88 3.62 -14.05 16.83
C SER A 88 3.42 -12.77 17.63
N SER A 89 2.71 -11.81 17.03
CA SER A 89 2.45 -10.54 17.68
C SER A 89 3.74 -9.83 18.03
N SER A 90 4.49 -9.42 17.01
CA SER A 90 5.76 -8.73 17.21
C SER A 90 5.75 -7.38 16.49
N ALA A 91 6.23 -6.35 17.19
CA ALA A 91 6.29 -5.00 16.62
C ALA A 91 7.37 -4.91 15.55
N GLU A 92 8.54 -5.48 15.83
CA GLU A 92 9.64 -5.46 14.90
C GLU A 92 9.31 -6.25 13.63
N PHE A 93 8.52 -7.31 13.79
CA PHE A 93 8.12 -8.14 12.65
C PHE A 93 7.15 -7.39 11.75
N LEU A 94 6.27 -6.60 12.36
CA LEU A 94 5.29 -5.83 11.61
C LEU A 94 5.97 -4.96 10.54
N GLU A 95 7.21 -4.55 10.82
CA GLU A 95 7.96 -3.72 9.90
C GLU A 95 8.03 -4.36 8.51
N LYS A 96 7.97 -5.69 8.47
CA LYS A 96 8.04 -6.41 7.20
C LYS A 96 6.71 -6.33 6.45
N ARG A 97 5.60 -6.34 7.17
CA ARG A 97 4.28 -6.27 6.56
C ARG A 97 4.01 -4.90 5.93
N ARG A 98 4.48 -3.85 6.59
CA ARG A 98 4.28 -2.49 6.10
C ARG A 98 5.16 -2.22 4.87
N ALA A 99 6.42 -2.65 4.94
CA ALA A 99 7.36 -2.45 3.85
C ALA A 99 6.75 -2.96 2.53
N ALA A 100 6.36 -4.22 2.52
CA ALA A 100 5.75 -4.82 1.33
C ALA A 100 4.56 -4.02 0.86
N LEU A 101 3.88 -3.36 1.80
CA LEU A 101 2.70 -2.57 1.48
C LEU A 101 3.07 -1.47 0.49
N GLU A 102 4.31 -1.00 0.57
CA GLU A 102 4.78 0.03 -0.36
C GLU A 102 4.99 -0.58 -1.74
N ARG A 103 5.56 -1.77 -1.77
CA ARG A 103 5.80 -2.47 -3.02
C ARG A 103 4.49 -2.65 -3.77
N TYR A 104 3.47 -3.11 -3.03
CA TYR A 104 2.15 -3.29 -3.60
C TYR A 104 1.58 -1.95 -4.05
N LEU A 105 1.86 -0.90 -3.26
CA LEU A 105 1.39 0.44 -3.58
C LEU A 105 2.07 0.98 -4.82
N GLN A 106 3.38 0.73 -4.92
CA GLN A 106 4.14 1.21 -6.06
C GLN A 106 3.52 0.72 -7.37
N ARG A 107 2.76 -0.37 -7.31
CA ARG A 107 2.12 -0.92 -8.50
C ARG A 107 0.98 -0.04 -8.99
N ILE A 108 0.07 0.35 -8.10
CA ILE A 108 -1.05 1.20 -8.49
C ILE A 108 -0.55 2.59 -8.85
N VAL A 109 0.35 3.11 -8.04
CA VAL A 109 0.93 4.43 -8.29
C VAL A 109 1.75 4.42 -9.58
N ASN A 110 2.40 3.28 -9.84
CA ASN A 110 3.22 3.13 -11.04
C ASN A 110 2.47 3.60 -12.29
N HIS A 111 1.31 3.00 -12.56
CA HIS A 111 0.52 3.36 -13.73
C HIS A 111 -0.67 4.24 -13.35
N PRO A 112 -0.79 5.43 -13.97
CA PRO A 112 -1.89 6.36 -13.69
C PRO A 112 -3.24 5.87 -14.24
N THR A 113 -3.21 5.25 -15.41
CA THR A 113 -4.42 4.74 -16.05
C THR A 113 -4.88 3.43 -15.43
N MET A 114 -3.94 2.68 -14.86
CA MET A 114 -4.27 1.39 -14.26
C MET A 114 -5.34 1.52 -13.18
N LEU A 115 -5.15 2.45 -12.25
CA LEU A 115 -6.10 2.66 -11.15
C LEU A 115 -7.54 2.63 -11.64
N GLN A 116 -7.84 3.42 -12.67
CA GLN A 116 -9.19 3.47 -13.22
C GLN A 116 -10.18 4.01 -12.20
N ASP A 117 -10.46 3.21 -11.17
CA ASP A 117 -11.39 3.61 -10.12
C ASP A 117 -10.93 4.91 -9.46
N PRO A 118 -11.89 5.80 -9.11
CA PRO A 118 -11.57 7.08 -8.48
C PRO A 118 -10.99 6.93 -7.07
N ASP A 119 -11.23 5.78 -6.43
CA ASP A 119 -10.72 5.55 -5.09
C ASP A 119 -9.23 5.24 -5.10
N VAL A 120 -8.83 4.28 -5.92
CA VAL A 120 -7.42 3.91 -6.00
C VAL A 120 -6.60 5.11 -6.44
N ARG A 121 -7.16 5.87 -7.35
CA ARG A 121 -6.50 7.08 -7.85
C ARG A 121 -6.21 8.02 -6.70
N GLU A 122 -7.05 7.98 -5.66
CA GLU A 122 -6.88 8.83 -4.50
C GLU A 122 -6.53 8.04 -3.25
N PHE A 123 -6.36 6.73 -3.38
CA PHE A 123 -6.03 5.90 -2.22
C PHE A 123 -4.53 5.94 -1.93
N LEU A 124 -3.74 5.83 -2.98
CA LEU A 124 -2.29 5.85 -2.85
C LEU A 124 -1.82 7.06 -2.05
N GLU A 125 -2.63 8.11 -2.01
CA GLU A 125 -2.28 9.32 -1.28
C GLU A 125 -3.47 10.26 -1.12
N LYS A 126 -4.49 9.79 -0.40
CA LYS A 126 -5.68 10.60 -0.16
C LYS A 126 -5.42 11.65 0.91
N GLU A 127 -6.28 12.67 0.97
CA GLU A 127 -6.14 13.73 1.95
C GLU A 127 -7.48 14.41 2.21
N GLU A 128 -7.89 15.27 1.28
CA GLU A 128 -9.15 15.99 1.41
C GLU A 128 -10.32 15.12 0.98
N GLN A 1 4.01 6.77 -15.38
CA GLN A 1 5.50 6.73 -15.41
C GLN A 1 6.08 8.04 -14.88
N PHE A 2 5.76 8.37 -13.64
CA PHE A 2 6.26 9.60 -13.01
C PHE A 2 7.25 9.28 -11.91
N ASP A 3 7.65 10.31 -11.16
CA ASP A 3 8.60 10.13 -10.07
C ASP A 3 7.88 9.91 -8.74
N LEU A 4 6.90 9.01 -8.76
CA LEU A 4 6.12 8.70 -7.56
C LEU A 4 6.92 7.82 -6.61
N THR A 5 7.30 8.39 -5.47
CA THR A 5 8.08 7.66 -4.48
C THR A 5 7.40 7.73 -3.11
N VAL A 6 7.03 6.57 -2.57
CA VAL A 6 6.38 6.50 -1.28
C VAL A 6 6.96 5.38 -0.42
N GLY A 7 7.49 5.74 0.74
CA GLY A 7 8.04 4.76 1.65
C GLY A 7 7.17 4.58 2.87
N ILE A 8 6.57 3.40 3.01
CA ILE A 8 5.70 3.15 4.15
C ILE A 8 6.51 2.91 5.43
N THR A 9 6.33 3.80 6.39
CA THR A 9 7.03 3.71 7.68
C THR A 9 6.24 4.45 8.75
N ASP A 10 6.36 4.01 10.00
CA ASP A 10 5.66 4.63 11.14
C ASP A 10 4.55 3.74 11.73
N PRO A 11 3.90 2.89 10.93
CA PRO A 11 2.80 2.03 11.40
C PRO A 11 2.97 1.53 12.82
N GLU A 12 2.31 2.22 13.73
CA GLU A 12 2.30 1.89 15.14
C GLU A 12 0.86 1.93 15.63
N LYS A 13 0.55 1.17 16.67
CA LYS A 13 -0.81 1.13 17.19
C LYS A 13 -1.17 2.49 17.80
N ILE A 14 -1.89 3.27 17.00
CA ILE A 14 -2.32 4.61 17.38
C ILE A 14 -3.41 4.59 18.44
N GLY A 15 -3.63 5.75 19.04
CA GLY A 15 -4.65 5.89 20.07
C GLY A 15 -4.21 5.30 21.40
N ASP A 16 -4.16 3.97 21.48
CA ASP A 16 -3.77 3.29 22.70
C ASP A 16 -4.73 3.62 23.84
N GLY A 17 -6.00 3.28 23.65
CA GLY A 17 -7.00 3.55 24.67
C GLY A 17 -8.40 3.23 24.20
N MET A 18 -8.90 2.05 24.57
CA MET A 18 -10.24 1.62 24.19
C MET A 18 -10.33 1.50 22.66
N ASN A 19 -10.00 0.31 22.15
CA ASN A 19 -10.06 0.06 20.72
C ASN A 19 -9.05 0.93 19.98
N ALA A 20 -7.83 0.42 19.83
CA ALA A 20 -6.77 1.16 19.14
C ALA A 20 -6.49 0.58 17.76
N TYR A 21 -5.86 1.39 16.91
CA TYR A 21 -5.51 0.97 15.56
C TYR A 21 -4.19 1.58 15.15
N VAL A 22 -3.49 0.96 14.21
CA VAL A 22 -2.23 1.52 13.73
C VAL A 22 -2.46 2.27 12.43
N ALA A 23 -1.65 3.30 12.26
CA ALA A 23 -1.72 4.15 11.10
C ALA A 23 -0.71 3.73 10.02
N TYR A 24 -0.64 4.51 8.95
CA TYR A 24 0.29 4.22 7.86
C TYR A 24 0.78 5.51 7.22
N LYS A 25 1.99 5.93 7.60
CA LYS A 25 2.57 7.16 7.07
C LYS A 25 3.14 6.94 5.68
N VAL A 26 2.28 7.16 4.67
CA VAL A 26 2.69 7.00 3.29
C VAL A 26 3.23 8.33 2.73
N THR A 27 4.55 8.46 2.73
CA THR A 27 5.18 9.68 2.25
C THR A 27 5.40 9.64 0.74
N THR A 28 4.30 9.76 -0.01
CA THR A 28 4.37 9.73 -1.47
C THR A 28 4.86 11.09 -1.98
N GLN A 29 5.61 11.06 -3.08
CA GLN A 29 6.13 12.29 -3.67
C GLN A 29 6.33 12.14 -5.17
N THR A 30 5.76 13.08 -5.92
CA THR A 30 5.87 13.07 -7.36
C THR A 30 5.85 14.49 -7.92
N SER A 31 7.02 15.00 -8.24
CA SER A 31 7.15 16.35 -8.78
C SER A 31 6.91 16.35 -10.29
N LEU A 32 5.71 15.95 -10.69
CA LEU A 32 5.35 15.90 -12.10
C LEU A 32 3.94 16.45 -12.32
N PRO A 33 3.62 16.84 -13.57
CA PRO A 33 2.30 17.38 -13.91
C PRO A 33 1.23 16.29 -13.97
N LEU A 34 0.77 15.87 -12.79
CA LEU A 34 -0.26 14.83 -12.71
C LEU A 34 -1.04 14.95 -11.41
N PHE A 35 -0.37 14.74 -10.29
CA PHE A 35 -1.01 14.82 -8.98
C PHE A 35 0.00 15.17 -7.90
N ARG A 36 -0.50 15.45 -6.70
CA ARG A 36 0.36 15.81 -5.57
C ARG A 36 1.07 17.14 -5.82
N SER A 37 2.11 17.10 -6.64
CA SER A 37 2.89 18.29 -6.97
C SER A 37 3.63 18.82 -5.74
N LYS A 38 2.88 19.28 -4.75
CA LYS A 38 3.47 19.80 -3.52
C LYS A 38 4.14 18.70 -2.71
N GLN A 39 3.75 17.45 -2.97
CA GLN A 39 4.32 16.31 -2.26
C GLN A 39 3.96 16.36 -0.78
N PHE A 40 3.88 15.19 -0.15
CA PHE A 40 3.53 15.10 1.27
C PHE A 40 3.33 13.66 1.71
N ALA A 41 2.83 13.48 2.93
CA ALA A 41 2.58 12.15 3.48
C ALA A 41 1.10 11.92 3.72
N VAL A 42 0.76 10.68 4.07
CA VAL A 42 -0.63 10.31 4.34
C VAL A 42 -0.70 9.25 5.44
N LYS A 43 -1.74 9.33 6.26
CA LYS A 43 -1.93 8.37 7.35
C LYS A 43 -3.36 7.84 7.36
N ARG A 44 -3.48 6.53 7.27
CA ARG A 44 -4.78 5.87 7.28
C ARG A 44 -4.72 4.53 8.02
N ARG A 45 -5.83 4.14 8.62
CA ARG A 45 -5.90 2.90 9.36
C ARG A 45 -5.60 1.71 8.44
N PHE A 46 -5.15 0.61 9.03
CA PHE A 46 -4.82 -0.58 8.26
C PHE A 46 -6.02 -1.07 7.44
N SER A 47 -7.23 -0.77 7.94
CA SER A 47 -8.45 -1.16 7.25
C SER A 47 -8.62 -0.39 5.94
N ASP A 48 -8.47 0.93 6.01
CA ASP A 48 -8.61 1.78 4.83
C ASP A 48 -7.65 1.34 3.73
N PHE A 49 -6.39 1.12 4.09
CA PHE A 49 -5.37 0.69 3.14
C PHE A 49 -5.79 -0.60 2.46
N LEU A 50 -6.50 -1.44 3.21
CA LEU A 50 -6.98 -2.72 2.71
C LEU A 50 -7.80 -2.56 1.43
N GLY A 51 -8.51 -1.44 1.32
CA GLY A 51 -9.37 -1.21 0.17
C GLY A 51 -8.69 -1.50 -1.16
N LEU A 52 -7.41 -1.13 -1.28
CA LEU A 52 -6.66 -1.38 -2.51
C LEU A 52 -6.12 -2.79 -2.53
N TYR A 53 -5.34 -3.09 -1.51
CA TYR A 53 -4.72 -4.40 -1.38
C TYR A 53 -5.75 -5.51 -1.50
N GLU A 54 -6.92 -5.29 -0.90
CA GLU A 54 -8.00 -6.27 -0.95
C GLU A 54 -8.69 -6.25 -2.31
N LYS A 55 -8.94 -5.06 -2.83
CA LYS A 55 -9.61 -4.90 -4.12
C LYS A 55 -8.79 -5.54 -5.25
N LEU A 56 -7.47 -5.35 -5.19
CA LEU A 56 -6.59 -5.90 -6.21
C LEU A 56 -6.27 -7.37 -5.95
N SER A 57 -6.08 -7.72 -4.68
CA SER A 57 -5.76 -9.10 -4.32
C SER A 57 -6.99 -10.00 -4.38
N GLU A 58 -8.12 -9.52 -3.87
CA GLU A 58 -9.36 -10.29 -3.87
C GLU A 58 -9.81 -10.62 -5.29
N LYS A 59 -9.41 -9.80 -6.25
CA LYS A 59 -9.80 -10.00 -7.64
C LYS A 59 -8.88 -11.01 -8.33
N HIS A 60 -7.58 -10.94 -8.00
CA HIS A 60 -6.59 -11.83 -8.60
C HIS A 60 -6.79 -11.96 -10.11
N SER A 61 -7.59 -12.94 -10.54
CA SER A 61 -7.85 -13.15 -11.96
C SER A 61 -6.56 -13.40 -12.73
N GLN A 62 -6.69 -13.94 -13.93
CA GLN A 62 -5.54 -14.22 -14.78
C GLN A 62 -4.90 -12.93 -15.27
N ASN A 63 -5.56 -12.27 -16.22
CA ASN A 63 -5.06 -11.02 -16.77
C ASN A 63 -5.99 -9.86 -16.45
N GLY A 64 -5.43 -8.66 -16.33
CA GLY A 64 -6.24 -7.49 -16.04
C GLY A 64 -5.60 -6.20 -16.52
N PHE A 65 -4.31 -6.05 -16.29
CA PHE A 65 -3.58 -4.85 -16.71
C PHE A 65 -2.76 -5.14 -17.95
N ILE A 66 -2.52 -4.10 -18.75
CA ILE A 66 -1.73 -4.23 -19.97
C ILE A 66 -0.29 -4.60 -19.66
N VAL A 67 0.19 -4.14 -18.50
CA VAL A 67 1.56 -4.42 -18.08
C VAL A 67 1.77 -5.93 -17.89
N PRO A 68 2.60 -6.56 -18.74
CA PRO A 68 2.86 -7.99 -18.64
C PRO A 68 3.45 -8.39 -17.28
N PRO A 69 4.50 -7.69 -16.83
CA PRO A 69 5.13 -7.98 -15.53
C PRO A 69 4.14 -7.82 -14.38
N PRO A 70 4.24 -8.68 -13.35
CA PRO A 70 3.33 -8.62 -12.19
C PRO A 70 3.28 -7.21 -11.58
N PRO A 71 2.46 -7.03 -10.53
CA PRO A 71 2.32 -5.74 -9.86
C PRO A 71 3.68 -5.08 -9.58
N GLU A 72 4.46 -5.71 -8.72
CA GLU A 72 5.78 -5.20 -8.36
C GLU A 72 6.47 -6.14 -7.36
N LYS A 73 7.46 -6.88 -7.84
CA LYS A 73 8.20 -7.81 -6.98
C LYS A 73 7.28 -8.91 -6.46
N SER A 74 7.79 -10.14 -6.47
CA SER A 74 7.02 -11.28 -5.99
C SER A 74 7.63 -11.87 -4.72
N LEU A 75 6.94 -11.66 -3.60
CA LEU A 75 7.40 -12.16 -2.31
C LEU A 75 8.80 -11.63 -1.98
N ILE A 76 9.22 -11.81 -0.73
CA ILE A 76 10.53 -11.35 -0.28
C ILE A 76 11.27 -12.47 0.45
N GLY A 77 10.55 -13.16 1.33
CA GLY A 77 11.16 -14.24 2.10
C GLY A 77 11.60 -13.80 3.48
N MET A 78 12.91 -13.64 3.66
CA MET A 78 13.45 -13.23 4.94
C MET A 78 13.46 -11.71 5.08
N THR A 79 13.46 -11.23 6.31
CA THR A 79 13.45 -9.79 6.57
C THR A 79 14.86 -9.21 6.42
N LYS A 80 15.85 -9.92 6.96
CA LYS A 80 17.23 -9.47 6.89
C LYS A 80 17.42 -8.12 7.56
N VAL A 81 18.64 -7.82 7.97
CA VAL A 81 18.97 -6.56 8.64
C VAL A 81 17.90 -6.19 9.67
N LYS A 82 17.87 -6.91 10.78
CA LYS A 82 16.90 -6.65 11.84
C LYS A 82 17.27 -7.40 13.12
N VAL A 83 16.82 -6.89 14.25
CA VAL A 83 17.10 -7.51 15.54
C VAL A 83 15.83 -8.10 16.15
N GLY A 84 14.73 -7.36 16.05
CA GLY A 84 13.47 -7.82 16.60
C GLY A 84 13.00 -6.96 17.76
N LYS A 85 12.72 -5.69 17.48
CA LYS A 85 12.26 -4.78 18.51
C LYS A 85 10.75 -4.54 18.40
N GLU A 86 9.97 -5.58 18.66
CA GLU A 86 8.52 -5.49 18.58
C GLU A 86 7.87 -6.68 19.28
N ASP A 87 6.54 -6.71 19.27
CA ASP A 87 5.79 -7.80 19.90
C ASP A 87 6.24 -9.14 19.36
N SER A 88 5.72 -10.21 19.97
CA SER A 88 6.07 -11.57 19.56
C SER A 88 4.94 -12.21 18.74
N SER A 89 3.71 -11.78 19.02
CA SER A 89 2.55 -12.30 18.31
C SER A 89 2.68 -12.10 16.80
N SER A 90 3.37 -11.03 16.41
CA SER A 90 3.57 -10.72 15.00
C SER A 90 4.57 -9.59 14.83
N ALA A 91 5.82 -9.85 15.17
CA ALA A 91 6.88 -8.85 15.05
C ALA A 91 7.24 -8.59 13.59
N GLU A 92 7.40 -9.67 12.84
CA GLU A 92 7.76 -9.56 11.43
C GLU A 92 6.59 -9.02 10.61
N PHE A 93 5.38 -9.28 11.07
CA PHE A 93 4.18 -8.80 10.38
C PHE A 93 4.19 -7.28 10.22
N LEU A 94 4.47 -6.58 11.31
CA LEU A 94 4.50 -5.12 11.29
C LEU A 94 5.54 -4.60 10.31
N GLU A 95 6.75 -5.14 10.38
CA GLU A 95 7.82 -4.71 9.49
C GLU A 95 7.58 -5.17 8.05
N LYS A 96 7.27 -6.45 7.89
CA LYS A 96 7.02 -7.01 6.56
C LYS A 96 5.83 -6.31 5.90
N ARG A 97 4.71 -6.26 6.61
CA ARG A 97 3.50 -5.63 6.08
C ARG A 97 3.75 -4.16 5.74
N ARG A 98 4.65 -3.54 6.50
CA ARG A 98 4.99 -2.13 6.28
C ARG A 98 5.71 -1.97 4.96
N ALA A 99 6.77 -2.74 4.78
CA ALA A 99 7.56 -2.71 3.55
C ALA A 99 6.73 -3.14 2.36
N ALA A 100 6.15 -4.34 2.45
CA ALA A 100 5.32 -4.88 1.38
C ALA A 100 4.23 -3.88 0.98
N LEU A 101 3.79 -3.08 1.94
CA LEU A 101 2.75 -2.10 1.68
C LEU A 101 3.21 -1.11 0.60
N GLU A 102 4.51 -0.87 0.54
CA GLU A 102 5.08 0.04 -0.46
C GLU A 102 5.07 -0.59 -1.85
N ARG A 103 5.67 -1.77 -1.98
CA ARG A 103 5.73 -2.45 -3.27
C ARG A 103 4.34 -2.67 -3.84
N TYR A 104 3.41 -3.11 -3.00
CA TYR A 104 2.05 -3.33 -3.45
C TYR A 104 1.44 -2.03 -3.97
N LEU A 105 1.86 -0.91 -3.37
CA LEU A 105 1.36 0.40 -3.77
C LEU A 105 2.12 0.94 -4.98
N GLN A 106 3.41 0.64 -5.04
CA GLN A 106 4.25 1.11 -6.13
C GLN A 106 3.67 0.72 -7.49
N ARG A 107 3.11 -0.48 -7.56
CA ARG A 107 2.51 -0.96 -8.81
C ARG A 107 1.37 -0.05 -9.24
N ILE A 108 0.61 0.44 -8.27
CA ILE A 108 -0.51 1.33 -8.55
C ILE A 108 -0.01 2.73 -8.85
N VAL A 109 0.89 3.23 -8.00
CA VAL A 109 1.45 4.55 -8.20
C VAL A 109 2.26 4.59 -9.49
N ASN A 110 2.79 3.43 -9.88
CA ASN A 110 3.57 3.33 -11.11
C ASN A 110 2.77 3.77 -12.33
N HIS A 111 1.64 3.11 -12.57
CA HIS A 111 0.79 3.44 -13.71
C HIS A 111 -0.44 4.25 -13.26
N PRO A 112 -0.70 5.40 -13.91
CA PRO A 112 -1.85 6.24 -13.57
C PRO A 112 -3.17 5.62 -14.00
N THR A 113 -3.20 5.06 -15.21
CA THR A 113 -4.40 4.43 -15.73
C THR A 113 -4.60 3.02 -15.16
N MET A 114 -3.51 2.38 -14.77
CA MET A 114 -3.58 1.03 -14.21
C MET A 114 -4.53 0.99 -13.01
N LEU A 115 -4.69 2.12 -12.35
CA LEU A 115 -5.57 2.22 -11.18
C LEU A 115 -7.00 1.81 -11.55
N GLN A 116 -7.53 2.44 -12.60
CA GLN A 116 -8.88 2.14 -13.07
C GLN A 116 -9.94 2.53 -12.05
N ASP A 117 -9.96 1.82 -10.91
CA ASP A 117 -10.93 2.10 -9.86
C ASP A 117 -10.84 3.54 -9.40
N PRO A 118 -11.95 4.31 -9.52
CA PRO A 118 -11.97 5.71 -9.10
C PRO A 118 -11.53 5.91 -7.66
N ASP A 119 -11.62 4.85 -6.86
CA ASP A 119 -11.23 4.94 -5.45
C ASP A 119 -9.71 4.94 -5.32
N VAL A 120 -9.07 3.97 -5.97
CA VAL A 120 -7.63 3.88 -5.93
C VAL A 120 -7.00 5.13 -6.50
N ARG A 121 -7.62 5.63 -7.56
CA ARG A 121 -7.15 6.86 -8.19
C ARG A 121 -7.13 7.98 -7.16
N GLU A 122 -8.05 7.90 -6.19
CA GLU A 122 -8.14 8.91 -5.15
C GLU A 122 -7.79 8.34 -3.77
N PHE A 123 -7.22 7.13 -3.73
CA PHE A 123 -6.86 6.52 -2.46
C PHE A 123 -5.53 7.06 -1.95
N LEU A 124 -4.53 7.09 -2.83
CA LEU A 124 -3.20 7.56 -2.46
C LEU A 124 -3.18 9.09 -2.32
N GLU A 125 -4.26 9.75 -2.73
CA GLU A 125 -4.36 11.19 -2.64
C GLU A 125 -5.46 11.62 -1.67
N LYS A 126 -5.86 10.71 -0.79
CA LYS A 126 -6.91 11.00 0.18
C LYS A 126 -6.32 11.28 1.56
N GLU A 127 -7.06 12.02 2.36
CA GLU A 127 -6.61 12.37 3.72
C GLU A 127 -7.73 12.14 4.74
N GLU A 128 -8.68 11.27 4.39
CA GLU A 128 -9.81 10.96 5.27
C GLU A 128 -10.38 12.22 5.92
N GLN A 1 2.14 8.54 -17.52
CA GLN A 1 3.43 8.05 -16.97
C GLN A 1 4.11 9.12 -16.13
N PHE A 2 4.19 8.87 -14.82
CA PHE A 2 4.81 9.81 -13.89
C PHE A 2 5.53 9.08 -12.77
N ASP A 3 6.69 9.61 -12.38
CA ASP A 3 7.49 9.00 -11.31
C ASP A 3 6.72 9.02 -9.98
N LEU A 4 6.86 7.93 -9.23
CA LEU A 4 6.18 7.80 -7.94
C LEU A 4 6.98 6.89 -7.01
N THR A 5 7.50 7.46 -5.93
CA THR A 5 8.30 6.68 -4.98
C THR A 5 7.90 6.99 -3.54
N VAL A 6 7.07 6.15 -2.97
CA VAL A 6 6.63 6.33 -1.58
C VAL A 6 7.34 5.34 -0.67
N GLY A 7 7.24 5.58 0.64
CA GLY A 7 7.85 4.70 1.59
C GLY A 7 7.00 4.57 2.84
N ILE A 8 6.45 3.39 3.08
CA ILE A 8 5.60 3.19 4.25
C ILE A 8 6.44 2.94 5.49
N THR A 9 6.35 3.86 6.45
CA THR A 9 7.08 3.75 7.70
C THR A 9 6.38 4.56 8.79
N ASP A 10 6.30 4.00 10.01
CA ASP A 10 5.66 4.66 11.15
C ASP A 10 4.52 3.82 11.74
N PRO A 11 3.81 3.03 10.90
CA PRO A 11 2.69 2.20 11.37
C PRO A 11 2.90 1.60 12.75
N GLU A 12 2.20 2.18 13.72
CA GLU A 12 2.28 1.73 15.11
C GLU A 12 0.89 1.76 15.72
N LYS A 13 0.76 1.22 16.93
CA LYS A 13 -0.52 1.21 17.62
C LYS A 13 -0.93 2.62 18.02
N ILE A 14 -2.22 2.93 17.88
CA ILE A 14 -2.72 4.25 18.21
C ILE A 14 -4.03 4.19 19.00
N GLY A 15 -4.95 3.36 18.54
CA GLY A 15 -6.25 3.21 19.19
C GLY A 15 -6.17 3.23 20.71
N ASP A 16 -5.99 2.05 21.31
CA ASP A 16 -5.90 1.91 22.76
C ASP A 16 -7.29 1.69 23.37
N GLY A 17 -7.70 0.43 23.43
CA GLY A 17 -9.00 0.11 23.99
C GLY A 17 -9.41 -1.33 23.71
N MET A 18 -8.49 -2.26 23.93
CA MET A 18 -8.76 -3.68 23.69
C MET A 18 -9.02 -3.95 22.21
N ASN A 19 -8.56 -3.05 21.36
CA ASN A 19 -8.72 -3.18 19.91
C ASN A 19 -8.06 -2.02 19.20
N ALA A 20 -6.85 -1.69 19.64
CA ALA A 20 -6.10 -0.58 19.07
C ALA A 20 -5.91 -0.73 17.56
N TYR A 21 -5.76 0.41 16.89
CA TYR A 21 -5.56 0.43 15.44
C TYR A 21 -4.24 1.12 15.11
N VAL A 22 -3.72 0.88 13.92
CA VAL A 22 -2.47 1.50 13.52
C VAL A 22 -2.70 2.51 12.40
N ALA A 23 -1.82 3.49 12.36
CA ALA A 23 -1.88 4.55 11.37
C ALA A 23 -0.78 4.39 10.34
N TYR A 24 -1.14 4.47 9.06
CA TYR A 24 -0.16 4.32 7.99
C TYR A 24 0.37 5.67 7.51
N LYS A 25 1.69 5.78 7.49
CA LYS A 25 2.36 7.00 7.05
C LYS A 25 2.93 6.80 5.65
N VAL A 26 2.11 7.07 4.64
CA VAL A 26 2.53 6.91 3.25
C VAL A 26 3.14 8.19 2.70
N THR A 27 4.46 8.27 2.73
CA THR A 27 5.17 9.45 2.23
C THR A 27 5.45 9.33 0.74
N THR A 28 4.48 9.69 -0.08
CA THR A 28 4.64 9.63 -1.53
C THR A 28 5.31 10.90 -2.05
N GLN A 29 6.14 10.74 -3.08
CA GLN A 29 6.83 11.86 -3.66
C GLN A 29 6.88 11.76 -5.17
N THR A 30 6.45 12.83 -5.83
CA THR A 30 6.44 12.89 -7.28
C THR A 30 6.43 14.34 -7.75
N SER A 31 7.59 14.82 -8.13
CA SER A 31 7.74 16.20 -8.60
C SER A 31 6.86 16.46 -9.81
N LEU A 32 6.55 15.39 -10.54
CA LEU A 32 5.71 15.49 -11.72
C LEU A 32 4.34 16.09 -11.38
N PRO A 33 3.73 16.81 -12.34
CA PRO A 33 2.42 17.43 -12.16
C PRO A 33 1.30 16.40 -12.07
N LEU A 34 0.07 16.82 -12.35
CA LEU A 34 -1.09 15.93 -12.31
C LEU A 34 -1.58 15.73 -10.88
N PHE A 35 -0.70 15.24 -10.01
CA PHE A 35 -1.06 15.00 -8.62
C PHE A 35 0.13 15.21 -7.69
N ARG A 36 -0.15 15.42 -6.41
CA ARG A 36 0.88 15.64 -5.41
C ARG A 36 1.63 16.95 -5.66
N SER A 37 2.44 16.98 -6.71
CA SER A 37 3.22 18.17 -7.05
C SER A 37 4.28 18.45 -5.99
N LYS A 38 3.84 18.87 -4.81
CA LYS A 38 4.75 19.17 -3.72
C LYS A 38 4.92 17.96 -2.79
N GLN A 39 4.44 16.80 -3.23
CA GLN A 39 4.53 15.56 -2.46
C GLN A 39 3.99 15.75 -1.04
N PHE A 40 3.82 14.63 -0.33
CA PHE A 40 3.31 14.64 1.04
C PHE A 40 2.96 13.24 1.51
N ALA A 41 2.16 13.16 2.58
CA ALA A 41 1.76 11.89 3.15
C ALA A 41 0.32 11.94 3.68
N VAL A 42 -0.27 10.77 3.89
CA VAL A 42 -1.64 10.69 4.40
C VAL A 42 -1.75 9.67 5.52
N LYS A 43 -2.72 9.87 6.40
CA LYS A 43 -2.93 8.94 7.51
C LYS A 43 -4.14 8.05 7.23
N ARG A 44 -3.90 6.75 7.17
CA ARG A 44 -4.96 5.79 6.90
C ARG A 44 -4.80 4.54 7.76
N ARG A 45 -5.85 4.19 8.48
CA ARG A 45 -5.82 3.01 9.33
C ARG A 45 -5.61 1.75 8.48
N PHE A 46 -5.66 0.59 9.12
CA PHE A 46 -5.49 -0.68 8.41
C PHE A 46 -6.61 -0.92 7.41
N SER A 47 -7.83 -0.56 7.80
CA SER A 47 -9.00 -0.75 6.94
C SER A 47 -8.97 0.17 5.72
N ASP A 48 -8.58 1.42 5.94
CA ASP A 48 -8.52 2.41 4.86
C ASP A 48 -7.68 1.90 3.69
N PHE A 49 -6.47 1.44 3.98
CA PHE A 49 -5.58 0.92 2.95
C PHE A 49 -6.06 -0.42 2.42
N LEU A 50 -6.78 -1.15 3.27
CA LEU A 50 -7.31 -2.45 2.91
C LEU A 50 -8.18 -2.37 1.65
N GLY A 51 -8.84 -1.23 1.46
CA GLY A 51 -9.71 -1.08 0.30
C GLY A 51 -9.05 -1.48 -1.01
N LEU A 52 -7.77 -1.15 -1.17
CA LEU A 52 -7.03 -1.51 -2.38
C LEU A 52 -6.50 -2.92 -2.28
N TYR A 53 -5.72 -3.15 -1.24
CA TYR A 53 -5.12 -4.45 -1.01
C TYR A 53 -6.18 -5.55 -1.02
N GLU A 54 -7.33 -5.26 -0.41
CA GLU A 54 -8.42 -6.21 -0.35
C GLU A 54 -9.16 -6.30 -1.68
N LYS A 55 -9.47 -5.14 -2.26
CA LYS A 55 -10.19 -5.08 -3.53
C LYS A 55 -9.39 -5.74 -4.65
N LEU A 56 -8.12 -5.36 -4.77
CA LEU A 56 -7.26 -5.92 -5.81
C LEU A 56 -6.99 -7.40 -5.56
N SER A 57 -6.76 -7.76 -4.30
CA SER A 57 -6.49 -9.14 -3.94
C SER A 57 -7.73 -10.00 -4.12
N GLU A 58 -8.90 -9.42 -3.86
CA GLU A 58 -10.15 -10.13 -4.00
C GLU A 58 -10.54 -10.30 -5.47
N LYS A 59 -10.35 -9.23 -6.24
CA LYS A 59 -10.67 -9.27 -7.67
C LYS A 59 -9.61 -10.05 -8.45
N HIS A 60 -8.34 -9.82 -8.11
CA HIS A 60 -7.23 -10.50 -8.77
C HIS A 60 -7.13 -10.09 -10.24
N SER A 61 -8.07 -10.55 -11.05
CA SER A 61 -8.09 -10.23 -12.47
C SER A 61 -8.38 -8.75 -12.68
N GLN A 62 -9.44 -8.26 -12.06
CA GLN A 62 -9.83 -6.86 -12.18
C GLN A 62 -10.13 -6.51 -13.64
N ASN A 63 -11.41 -6.54 -14.00
CA ASN A 63 -11.83 -6.22 -15.36
C ASN A 63 -11.42 -4.80 -15.74
N GLY A 64 -10.55 -4.70 -16.74
CA GLY A 64 -10.10 -3.39 -17.18
C GLY A 64 -8.62 -3.38 -17.52
N PHE A 65 -7.79 -3.77 -16.56
CA PHE A 65 -6.35 -3.80 -16.77
C PHE A 65 -5.83 -5.24 -16.85
N ILE A 66 -5.12 -5.55 -17.92
CA ILE A 66 -4.56 -6.89 -18.12
C ILE A 66 -3.19 -6.81 -18.79
N VAL A 67 -2.38 -5.85 -18.34
CA VAL A 67 -1.04 -5.66 -18.89
C VAL A 67 -0.07 -6.72 -18.35
N PRO A 68 0.59 -7.48 -19.25
CA PRO A 68 1.54 -8.53 -18.85
C PRO A 68 2.77 -8.04 -18.08
N PRO A 69 3.26 -6.80 -18.33
CA PRO A 69 4.44 -6.26 -17.65
C PRO A 69 4.37 -6.43 -16.12
N PRO A 70 5.28 -5.79 -15.36
CA PRO A 70 5.33 -5.89 -13.90
C PRO A 70 3.95 -5.85 -13.23
N PRO A 71 3.07 -4.91 -13.62
CA PRO A 71 1.74 -4.79 -13.03
C PRO A 71 1.00 -6.13 -12.98
N GLU A 72 1.18 -6.86 -11.90
CA GLU A 72 0.54 -8.17 -11.73
C GLU A 72 0.68 -8.65 -10.29
N LYS A 73 0.18 -9.86 -10.03
CA LYS A 73 0.24 -10.44 -8.69
C LYS A 73 1.46 -11.35 -8.55
N SER A 74 1.83 -12.00 -9.65
CA SER A 74 2.98 -12.90 -9.64
C SER A 74 4.27 -12.14 -9.37
N LEU A 75 4.51 -11.83 -8.10
CA LEU A 75 5.72 -11.11 -7.70
C LEU A 75 5.79 -10.96 -6.18
N ILE A 76 4.71 -10.46 -5.59
CA ILE A 76 4.66 -10.27 -4.15
C ILE A 76 3.21 -10.26 -3.65
N GLY A 77 2.76 -11.41 -3.15
CA GLY A 77 1.40 -11.52 -2.66
C GLY A 77 1.14 -12.85 -1.97
N MET A 78 1.18 -13.93 -2.75
CA MET A 78 0.96 -15.27 -2.21
C MET A 78 -0.44 -15.39 -1.61
N THR A 79 -1.39 -14.60 -2.13
CA THR A 79 -2.76 -14.64 -1.63
C THR A 79 -2.80 -14.30 -0.14
N LYS A 80 -3.82 -14.81 0.56
CA LYS A 80 -3.97 -14.56 1.99
C LYS A 80 -4.41 -13.12 2.25
N VAL A 81 -5.73 -12.90 2.20
CA VAL A 81 -6.29 -11.58 2.43
C VAL A 81 -6.92 -11.48 3.82
N LYS A 82 -6.79 -10.32 4.44
CA LYS A 82 -7.34 -10.10 5.77
C LYS A 82 -6.74 -11.09 6.78
N VAL A 83 -5.42 -10.98 6.97
CA VAL A 83 -4.72 -11.86 7.91
C VAL A 83 -5.31 -11.76 9.31
N GLY A 84 -5.73 -12.90 9.86
CA GLY A 84 -6.31 -12.90 11.19
C GLY A 84 -5.61 -13.89 12.12
N LYS A 85 -4.47 -14.40 11.69
CA LYS A 85 -3.70 -15.35 12.50
C LYS A 85 -3.24 -14.71 13.80
N GLU A 86 -3.89 -15.05 14.90
CA GLU A 86 -3.55 -14.51 16.20
C GLU A 86 -2.74 -15.52 17.02
N ASP A 87 -1.93 -15.01 17.94
CA ASP A 87 -1.10 -15.87 18.78
C ASP A 87 -0.42 -15.05 19.88
N SER A 88 0.13 -13.91 19.49
CA SER A 88 0.82 -13.04 20.43
C SER A 88 1.19 -11.71 19.78
N SER A 89 2.16 -11.74 18.87
CA SER A 89 2.60 -10.54 18.18
C SER A 89 3.40 -10.90 16.93
N SER A 90 4.00 -9.89 16.31
CA SER A 90 4.80 -10.10 15.10
C SER A 90 5.64 -8.86 14.79
N ALA A 91 6.86 -8.83 15.31
CA ALA A 91 7.76 -7.72 15.08
C ALA A 91 8.26 -7.70 13.63
N GLU A 92 8.63 -8.87 13.13
CA GLU A 92 9.13 -8.99 11.77
C GLU A 92 8.00 -8.81 10.76
N PHE A 93 6.85 -9.40 11.05
CA PHE A 93 5.70 -9.29 10.17
C PHE A 93 5.22 -7.84 10.06
N LEU A 94 4.98 -7.22 11.21
CA LEU A 94 4.51 -5.83 11.24
C LEU A 94 5.54 -4.91 10.58
N GLU A 95 6.80 -5.25 10.72
CA GLU A 95 7.88 -4.44 10.14
C GLU A 95 7.96 -4.65 8.64
N LYS A 96 7.89 -5.90 8.20
CA LYS A 96 7.94 -6.23 6.78
C LYS A 96 6.64 -5.83 6.08
N ARG A 97 5.55 -5.84 6.82
CA ARG A 97 4.24 -5.48 6.27
C ARG A 97 4.26 -4.07 5.72
N ARG A 98 5.06 -3.21 6.34
CA ARG A 98 5.17 -1.81 5.91
C ARG A 98 5.82 -1.73 4.54
N ALA A 99 6.98 -2.35 4.41
CA ALA A 99 7.73 -2.37 3.16
C ALA A 99 6.88 -2.91 2.01
N ALA A 100 6.37 -4.13 2.19
CA ALA A 100 5.54 -4.77 1.17
C ALA A 100 4.38 -3.88 0.77
N LEU A 101 3.88 -3.09 1.72
CA LEU A 101 2.76 -2.21 1.44
C LEU A 101 3.14 -1.22 0.35
N GLU A 102 4.38 -0.77 0.38
CA GLU A 102 4.88 0.16 -0.62
C GLU A 102 5.05 -0.55 -1.95
N ARG A 103 5.57 -1.77 -1.90
CA ARG A 103 5.77 -2.56 -3.11
C ARG A 103 4.44 -2.73 -3.82
N TYR A 104 3.42 -3.09 -3.06
CA TYR A 104 2.08 -3.26 -3.61
C TYR A 104 1.49 -1.92 -4.02
N LEU A 105 1.87 -0.86 -3.33
CA LEU A 105 1.37 0.48 -3.63
C LEU A 105 2.13 1.13 -4.79
N GLN A 106 3.38 0.75 -4.96
CA GLN A 106 4.20 1.33 -6.01
C GLN A 106 3.61 1.04 -7.40
N ARG A 107 3.03 -0.13 -7.57
CA ARG A 107 2.47 -0.51 -8.87
C ARG A 107 1.28 0.37 -9.25
N ILE A 108 0.33 0.54 -8.35
CA ILE A 108 -0.85 1.38 -8.64
C ILE A 108 -0.46 2.84 -8.76
N VAL A 109 0.55 3.25 -8.01
CA VAL A 109 1.02 4.63 -8.05
C VAL A 109 2.01 4.83 -9.21
N ASN A 110 2.63 3.74 -9.66
CA ASN A 110 3.60 3.80 -10.74
C ASN A 110 2.95 4.08 -12.09
N HIS A 111 1.92 3.31 -12.46
CA HIS A 111 1.27 3.50 -13.75
C HIS A 111 -0.07 4.23 -13.59
N PRO A 112 -0.37 5.20 -14.48
CA PRO A 112 -1.61 5.96 -14.43
C PRO A 112 -2.82 5.13 -14.83
N THR A 113 -2.73 4.45 -15.97
CA THR A 113 -3.83 3.62 -16.45
C THR A 113 -4.14 2.50 -15.45
N MET A 114 -3.14 2.12 -14.68
CA MET A 114 -3.29 1.07 -13.68
C MET A 114 -4.39 1.39 -12.68
N LEU A 115 -4.33 2.60 -12.13
CA LEU A 115 -5.31 3.06 -11.15
C LEU A 115 -6.73 2.71 -11.59
N GLN A 116 -7.07 3.10 -12.81
CA GLN A 116 -8.40 2.82 -13.38
C GLN A 116 -9.51 3.31 -12.44
N ASP A 117 -9.87 2.50 -11.46
CA ASP A 117 -10.92 2.86 -10.51
C ASP A 117 -10.59 4.17 -9.80
N PRO A 118 -11.47 5.18 -9.89
CA PRO A 118 -11.26 6.48 -9.26
C PRO A 118 -10.97 6.37 -7.76
N ASP A 119 -11.43 5.28 -7.16
CA ASP A 119 -11.22 5.07 -5.73
C ASP A 119 -9.75 4.90 -5.42
N VAL A 120 -9.12 3.98 -6.12
CA VAL A 120 -7.70 3.71 -5.94
C VAL A 120 -6.90 4.89 -6.48
N ARG A 121 -7.40 5.46 -7.56
CA ARG A 121 -6.77 6.61 -8.16
C ARG A 121 -6.78 7.77 -7.16
N GLU A 122 -7.79 7.77 -6.29
CA GLU A 122 -7.92 8.81 -5.28
C GLU A 122 -7.76 8.26 -3.86
N PHE A 123 -7.27 7.02 -3.74
CA PHE A 123 -7.10 6.41 -2.43
C PHE A 123 -5.79 6.86 -1.79
N LEU A 124 -4.71 6.79 -2.55
CA LEU A 124 -3.39 7.18 -2.06
C LEU A 124 -3.37 8.66 -1.68
N GLU A 125 -4.22 9.45 -2.34
CA GLU A 125 -4.30 10.88 -2.06
C GLU A 125 -5.33 11.18 -0.98
N LYS A 126 -6.21 10.21 -0.72
CA LYS A 126 -7.25 10.38 0.29
C LYS A 126 -6.66 10.82 1.62
N GLU A 127 -7.11 11.97 2.12
CA GLU A 127 -6.62 12.51 3.38
C GLU A 127 -7.78 12.85 4.32
N GLU A 128 -8.05 11.95 5.25
CA GLU A 128 -9.13 12.17 6.21
C GLU A 128 -8.60 12.22 7.63
N GLN A 1 11.58 5.20 -15.33
CA GLN A 1 11.00 4.57 -14.11
C GLN A 1 10.18 5.59 -13.31
N PHE A 2 9.60 6.55 -14.02
CA PHE A 2 8.78 7.58 -13.38
C PHE A 2 9.60 8.34 -12.32
N ASP A 3 9.26 8.17 -11.04
CA ASP A 3 9.97 8.86 -9.96
C ASP A 3 9.33 8.56 -8.61
N LEU A 4 8.02 8.36 -8.61
CA LEU A 4 7.27 8.07 -7.38
C LEU A 4 8.04 7.13 -6.46
N THR A 5 8.55 7.69 -5.37
CA THR A 5 9.30 6.92 -4.39
C THR A 5 8.72 7.14 -2.99
N VAL A 6 7.87 6.22 -2.56
CA VAL A 6 7.24 6.33 -1.25
C VAL A 6 7.95 5.48 -0.21
N GLY A 7 7.89 5.92 1.03
CA GLY A 7 8.50 5.18 2.11
C GLY A 7 7.54 5.04 3.27
N ILE A 8 7.09 3.83 3.53
CA ILE A 8 6.14 3.59 4.61
C ILE A 8 6.87 3.33 5.92
N THR A 9 6.66 4.22 6.89
CA THR A 9 7.27 4.11 8.20
C THR A 9 6.44 4.85 9.24
N ASP A 10 6.37 4.30 10.45
CA ASP A 10 5.61 4.88 11.57
C ASP A 10 4.46 3.96 12.02
N PRO A 11 3.85 3.18 11.10
CA PRO A 11 2.73 2.29 11.44
C PRO A 11 2.92 1.56 12.76
N GLU A 12 2.30 2.10 13.81
CA GLU A 12 2.37 1.51 15.13
C GLU A 12 0.97 1.30 15.68
N LYS A 13 0.86 0.63 16.81
CA LYS A 13 -0.44 0.38 17.42
C LYS A 13 -1.06 1.67 17.93
N ILE A 14 -1.96 2.24 17.14
CA ILE A 14 -2.63 3.48 17.49
C ILE A 14 -3.60 3.30 18.66
N GLY A 15 -3.80 4.37 19.42
CA GLY A 15 -4.71 4.32 20.55
C GLY A 15 -4.25 3.38 21.66
N ASP A 16 -4.25 2.09 21.37
CA ASP A 16 -3.82 1.08 22.33
C ASP A 16 -4.90 0.87 23.39
N GLY A 17 -5.66 -0.22 23.24
CA GLY A 17 -6.72 -0.53 24.20
C GLY A 17 -7.33 -1.90 23.95
N MET A 18 -8.55 -1.91 23.44
CA MET A 18 -9.23 -3.17 23.17
C MET A 18 -9.05 -3.57 21.70
N ASN A 19 -9.43 -2.68 20.79
CA ASN A 19 -9.29 -2.94 19.37
C ASN A 19 -8.54 -1.79 18.70
N ALA A 20 -7.24 -1.70 18.98
CA ALA A 20 -6.41 -0.65 18.42
C ALA A 20 -6.08 -0.91 16.96
N TYR A 21 -5.77 0.16 16.22
CA TYR A 21 -5.43 0.06 14.81
C TYR A 21 -4.04 0.62 14.56
N VAL A 22 -3.50 0.37 13.37
CA VAL A 22 -2.20 0.91 13.02
C VAL A 22 -2.34 1.90 11.89
N ALA A 23 -1.55 2.95 11.97
CA ALA A 23 -1.55 4.01 10.98
C ALA A 23 -0.62 3.68 9.81
N TYR A 24 -0.72 4.46 8.74
CA TYR A 24 0.12 4.25 7.56
C TYR A 24 0.65 5.57 7.02
N LYS A 25 1.94 5.81 7.17
CA LYS A 25 2.56 7.03 6.68
C LYS A 25 3.06 6.85 5.26
N VAL A 26 2.20 7.13 4.29
CA VAL A 26 2.55 7.00 2.88
C VAL A 26 3.16 8.32 2.38
N THR A 27 4.47 8.43 2.51
CA THR A 27 5.18 9.64 2.09
C THR A 27 5.52 9.59 0.61
N THR A 28 4.56 9.96 -0.22
CA THR A 28 4.74 9.97 -1.67
C THR A 28 5.49 11.20 -2.12
N GLN A 29 6.43 11.02 -3.05
CA GLN A 29 7.21 12.13 -3.57
C GLN A 29 7.39 11.98 -5.07
N THR A 30 6.68 12.79 -5.82
CA THR A 30 6.77 12.77 -7.27
C THR A 30 6.76 14.17 -7.85
N SER A 31 7.94 14.66 -8.16
CA SER A 31 8.10 15.99 -8.73
C SER A 31 8.34 15.90 -10.24
N LEU A 32 7.57 15.05 -10.90
CA LEU A 32 7.70 14.86 -12.35
C LEU A 32 6.67 15.67 -13.11
N PRO A 33 6.84 15.83 -14.43
CA PRO A 33 5.92 16.59 -15.27
C PRO A 33 4.45 16.26 -14.98
N LEU A 34 4.21 15.01 -14.60
CA LEU A 34 2.84 14.56 -14.29
C LEU A 34 2.50 14.90 -12.85
N PHE A 35 3.51 14.95 -12.00
CA PHE A 35 3.34 15.29 -10.59
C PHE A 35 2.61 14.17 -9.83
N ARG A 36 1.49 14.52 -9.18
CA ARG A 36 0.67 13.59 -8.38
C ARG A 36 0.91 13.85 -6.89
N SER A 37 2.08 14.40 -6.57
CA SER A 37 2.43 14.71 -5.19
C SER A 37 3.94 14.96 -5.07
N LYS A 38 4.35 16.20 -5.40
CA LYS A 38 5.76 16.57 -5.34
C LYS A 38 6.47 15.93 -4.14
N GLN A 39 5.80 15.96 -2.99
CA GLN A 39 6.34 15.37 -1.77
C GLN A 39 5.40 15.62 -0.60
N PHE A 40 4.81 14.55 -0.09
CA PHE A 40 3.89 14.65 1.05
C PHE A 40 3.94 13.42 1.93
N ALA A 41 2.96 13.33 2.82
CA ALA A 41 2.84 12.22 3.72
C ALA A 41 1.39 12.02 4.14
N VAL A 42 0.85 10.83 3.89
CA VAL A 42 -0.53 10.54 4.24
C VAL A 42 -0.62 9.56 5.40
N LYS A 43 -1.58 9.77 6.29
CA LYS A 43 -1.78 8.90 7.44
C LYS A 43 -3.18 8.31 7.44
N ARG A 44 -3.26 6.98 7.37
CA ARG A 44 -4.54 6.30 7.37
C ARG A 44 -4.41 4.90 7.96
N ARG A 45 -5.51 4.38 8.50
CA ARG A 45 -5.51 3.05 9.09
C ARG A 45 -5.40 1.97 8.02
N PHE A 46 -5.05 0.76 8.43
CA PHE A 46 -4.91 -0.35 7.49
C PHE A 46 -6.22 -0.57 6.72
N SER A 47 -7.33 -0.22 7.35
CA SER A 47 -8.64 -0.38 6.73
C SER A 47 -8.77 0.51 5.51
N ASP A 48 -8.11 1.66 5.54
CA ASP A 48 -8.15 2.60 4.42
C ASP A 48 -7.45 2.03 3.21
N PHE A 49 -6.22 1.56 3.40
CA PHE A 49 -5.45 0.98 2.30
C PHE A 49 -5.99 -0.39 1.92
N LEU A 50 -6.61 -1.07 2.89
CA LEU A 50 -7.17 -2.39 2.65
C LEU A 50 -8.14 -2.35 1.47
N GLY A 51 -8.84 -1.23 1.35
CA GLY A 51 -9.80 -1.07 0.26
C GLY A 51 -9.19 -1.36 -1.09
N LEU A 52 -7.88 -1.15 -1.22
CA LEU A 52 -7.18 -1.41 -2.47
C LEU A 52 -6.82 -2.86 -2.56
N TYR A 53 -6.05 -3.31 -1.58
CA TYR A 53 -5.60 -4.69 -1.53
C TYR A 53 -6.79 -5.64 -1.62
N GLU A 54 -7.89 -5.27 -0.97
CA GLU A 54 -9.10 -6.09 -1.00
C GLU A 54 -9.84 -5.95 -2.32
N LYS A 55 -9.94 -4.71 -2.82
CA LYS A 55 -10.64 -4.44 -4.08
C LYS A 55 -9.88 -5.00 -5.27
N LEU A 56 -8.58 -4.70 -5.33
CA LEU A 56 -7.75 -5.18 -6.43
C LEU A 56 -7.73 -6.70 -6.47
N SER A 57 -7.81 -7.32 -5.29
CA SER A 57 -7.81 -8.78 -5.18
C SER A 57 -9.15 -9.35 -5.60
N GLU A 58 -10.22 -8.59 -5.34
CA GLU A 58 -11.58 -9.02 -5.68
C GLU A 58 -11.69 -9.44 -7.14
N LYS A 59 -10.81 -8.91 -7.99
CA LYS A 59 -10.83 -9.24 -9.41
C LYS A 59 -10.79 -10.75 -9.63
N HIS A 60 -10.26 -11.49 -8.65
CA HIS A 60 -10.16 -12.94 -8.73
C HIS A 60 -9.44 -13.37 -10.01
N SER A 61 -8.15 -13.63 -9.89
CA SER A 61 -7.34 -14.05 -11.03
C SER A 61 -6.01 -14.64 -10.57
N GLN A 62 -5.34 -15.36 -11.47
CA GLN A 62 -4.06 -15.97 -11.16
C GLN A 62 -2.92 -14.98 -11.36
N ASN A 63 -2.85 -14.40 -12.55
CA ASN A 63 -1.81 -13.44 -12.88
C ASN A 63 -1.89 -12.22 -11.96
N GLY A 64 -0.76 -11.56 -11.75
CA GLY A 64 -0.71 -10.39 -10.89
C GLY A 64 -1.74 -9.34 -11.28
N PHE A 65 -2.08 -9.30 -12.57
CA PHE A 65 -3.06 -8.34 -13.08
C PHE A 65 -3.21 -8.47 -14.59
N ILE A 66 -3.85 -7.48 -15.19
CA ILE A 66 -4.08 -7.48 -16.63
C ILE A 66 -3.23 -6.40 -17.32
N VAL A 67 -2.05 -6.15 -16.75
CA VAL A 67 -1.14 -5.15 -17.30
C VAL A 67 0.24 -5.76 -17.58
N PRO A 68 1.02 -5.12 -18.46
CA PRO A 68 2.36 -5.59 -18.82
C PRO A 68 3.26 -5.79 -17.59
N PRO A 69 4.53 -6.15 -17.81
CA PRO A 69 5.49 -6.40 -16.71
C PRO A 69 5.75 -5.18 -15.81
N PRO A 70 5.99 -3.98 -16.39
CA PRO A 70 6.28 -2.78 -15.60
C PRO A 70 5.17 -2.43 -14.61
N PRO A 71 3.91 -2.32 -15.06
CA PRO A 71 2.77 -2.00 -14.18
C PRO A 71 2.68 -2.97 -13.00
N GLU A 72 3.24 -4.15 -13.16
CA GLU A 72 3.22 -5.16 -12.13
C GLU A 72 4.38 -4.99 -11.16
N LYS A 73 5.59 -5.34 -11.61
CA LYS A 73 6.79 -5.23 -10.79
C LYS A 73 6.60 -5.95 -9.45
N SER A 74 6.33 -5.20 -8.37
CA SER A 74 6.14 -5.80 -7.05
C SER A 74 7.22 -6.84 -6.74
N LEU A 75 7.02 -7.59 -5.67
CA LEU A 75 7.98 -8.62 -5.27
C LEU A 75 7.35 -9.56 -4.24
N ILE A 76 7.45 -9.20 -2.97
CA ILE A 76 6.90 -10.00 -1.87
C ILE A 76 7.34 -11.46 -1.97
N GLY A 77 7.06 -12.24 -0.92
CA GLY A 77 7.45 -13.63 -0.91
C GLY A 77 6.27 -14.57 -1.11
N MET A 78 5.19 -14.04 -1.68
CA MET A 78 3.98 -14.83 -1.93
C MET A 78 3.40 -15.36 -0.63
N THR A 79 2.18 -14.93 -0.31
CA THR A 79 1.52 -15.35 0.92
C THR A 79 2.43 -15.21 2.12
N LYS A 80 2.57 -13.97 2.61
CA LYS A 80 3.42 -13.69 3.76
C LYS A 80 3.00 -14.52 4.97
N VAL A 81 3.97 -15.12 5.63
CA VAL A 81 3.70 -15.94 6.81
C VAL A 81 5.01 -16.42 7.45
N LYS A 82 5.87 -17.03 6.64
CA LYS A 82 7.17 -17.54 7.11
C LYS A 82 7.01 -18.41 8.35
N VAL A 83 8.12 -19.02 8.77
CA VAL A 83 8.13 -19.89 9.94
C VAL A 83 7.07 -20.99 9.84
N GLY A 84 5.83 -20.67 10.21
CA GLY A 84 4.76 -21.64 10.16
C GLY A 84 4.13 -21.89 11.51
N LYS A 85 4.90 -21.68 12.57
CA LYS A 85 4.42 -21.89 13.93
C LYS A 85 4.27 -20.56 14.66
N GLU A 86 4.08 -20.62 15.98
CA GLU A 86 3.93 -19.42 16.79
C GLU A 86 5.29 -18.86 17.20
N ASP A 87 5.45 -17.56 17.04
CA ASP A 87 6.71 -16.90 17.40
C ASP A 87 6.59 -15.39 17.28
N SER A 88 6.49 -14.72 18.42
CA SER A 88 6.37 -13.26 18.45
C SER A 88 5.04 -12.79 17.86
N SER A 89 4.12 -13.73 17.64
CA SER A 89 2.81 -13.40 17.09
C SER A 89 2.94 -12.47 15.88
N SER A 90 4.05 -12.59 15.16
CA SER A 90 4.29 -11.77 13.99
C SER A 90 4.38 -10.30 14.36
N ALA A 91 4.98 -10.02 15.52
CA ALA A 91 5.13 -8.65 16.00
C ALA A 91 6.17 -7.89 15.17
N GLU A 92 7.30 -8.54 14.90
CA GLU A 92 8.37 -7.92 14.12
C GLU A 92 8.06 -8.02 12.63
N PHE A 93 7.35 -9.07 12.24
CA PHE A 93 6.99 -9.28 10.84
C PHE A 93 6.09 -8.17 10.34
N LEU A 94 5.19 -7.70 11.22
CA LEU A 94 4.26 -6.64 10.87
C LEU A 94 4.99 -5.43 10.29
N GLU A 95 6.16 -5.14 10.84
CA GLU A 95 6.96 -4.01 10.38
C GLU A 95 7.33 -4.18 8.90
N LYS A 96 7.53 -5.42 8.49
CA LYS A 96 7.88 -5.72 7.10
C LYS A 96 6.65 -5.70 6.21
N ARG A 97 5.54 -6.21 6.74
CA ARG A 97 4.28 -6.26 6.00
C ARG A 97 3.85 -4.85 5.58
N ARG A 98 4.17 -3.86 6.40
CA ARG A 98 3.82 -2.48 6.12
C ARG A 98 4.66 -1.93 4.97
N ALA A 99 5.96 -2.22 5.00
CA ALA A 99 6.87 -1.76 3.96
C ALA A 99 6.44 -2.28 2.60
N ALA A 100 6.03 -3.55 2.56
CA ALA A 100 5.58 -4.17 1.32
C ALA A 100 4.43 -3.39 0.70
N LEU A 101 3.62 -2.77 1.56
CA LEU A 101 2.47 -2.00 1.10
C LEU A 101 2.92 -0.88 0.16
N GLU A 102 4.13 -0.38 0.37
CA GLU A 102 4.66 0.66 -0.49
C GLU A 102 4.97 0.09 -1.86
N ARG A 103 5.64 -1.06 -1.88
CA ARG A 103 5.96 -1.72 -3.13
C ARG A 103 4.66 -2.01 -3.86
N TYR A 104 3.66 -2.44 -3.09
CA TYR A 104 2.34 -2.72 -3.63
C TYR A 104 1.65 -1.41 -4.02
N LEU A 105 1.99 -0.33 -3.32
CA LEU A 105 1.40 0.98 -3.58
C LEU A 105 2.09 1.68 -4.75
N GLN A 106 3.38 1.41 -4.92
CA GLN A 106 4.15 2.04 -5.99
C GLN A 106 3.60 1.65 -7.36
N ARG A 107 3.25 0.39 -7.52
CA ARG A 107 2.72 -0.10 -8.80
C ARG A 107 1.47 0.68 -9.21
N ILE A 108 0.51 0.81 -8.30
CA ILE A 108 -0.72 1.53 -8.59
C ILE A 108 -0.45 3.02 -8.76
N VAL A 109 0.29 3.61 -7.83
CA VAL A 109 0.61 5.02 -7.92
C VAL A 109 1.45 5.30 -9.17
N ASN A 110 2.24 4.29 -9.57
CA ASN A 110 3.09 4.42 -10.75
C ASN A 110 2.26 4.78 -11.99
N HIS A 111 1.44 3.85 -12.46
CA HIS A 111 0.62 4.08 -13.63
C HIS A 111 -0.84 4.36 -13.24
N PRO A 112 -1.47 5.37 -13.85
CA PRO A 112 -2.87 5.73 -13.54
C PRO A 112 -3.88 4.70 -14.05
N THR A 113 -3.53 4.01 -15.13
CA THR A 113 -4.41 3.01 -15.72
C THR A 113 -4.40 1.70 -14.93
N MET A 114 -3.29 1.42 -14.27
CA MET A 114 -3.16 0.19 -13.49
C MET A 114 -4.16 0.14 -12.34
N LEU A 115 -4.67 1.30 -11.94
CA LEU A 115 -5.64 1.37 -10.84
C LEU A 115 -7.04 1.01 -11.33
N GLN A 116 -7.49 1.68 -12.38
CA GLN A 116 -8.81 1.43 -12.94
C GLN A 116 -9.93 1.87 -11.98
N ASP A 117 -9.98 1.23 -10.82
CA ASP A 117 -11.01 1.54 -9.83
C ASP A 117 -10.96 3.02 -9.43
N PRO A 118 -12.08 3.74 -9.58
CA PRO A 118 -12.16 5.17 -9.24
C PRO A 118 -11.71 5.45 -7.81
N ASP A 119 -11.84 4.46 -6.94
CA ASP A 119 -11.44 4.63 -5.55
C ASP A 119 -9.94 4.59 -5.40
N VAL A 120 -9.31 3.62 -6.06
CA VAL A 120 -7.87 3.48 -6.00
C VAL A 120 -7.20 4.73 -6.52
N ARG A 121 -7.71 5.22 -7.64
CA ARG A 121 -7.19 6.43 -8.25
C ARG A 121 -7.21 7.57 -7.25
N GLU A 122 -8.16 7.53 -6.32
CA GLU A 122 -8.29 8.57 -5.31
C GLU A 122 -7.93 8.06 -3.90
N PHE A 123 -7.51 6.81 -3.79
CA PHE A 123 -7.16 6.25 -2.49
C PHE A 123 -5.74 6.62 -2.09
N LEU A 124 -4.80 6.48 -3.02
CA LEU A 124 -3.41 6.81 -2.77
C LEU A 124 -3.24 8.31 -2.51
N GLU A 125 -4.14 9.11 -3.09
CA GLU A 125 -4.09 10.56 -2.92
C GLU A 125 -5.19 11.05 -1.97
N LYS A 126 -5.66 10.15 -1.11
CA LYS A 126 -6.71 10.50 -0.15
C LYS A 126 -6.16 11.44 0.92
N GLU A 127 -6.81 12.60 1.06
CA GLU A 127 -6.41 13.59 2.04
C GLU A 127 -7.60 14.39 2.55
N GLU A 128 -7.70 14.53 3.87
CA GLU A 128 -8.79 15.26 4.48
C GLU A 128 -8.35 16.67 4.86
N GLN A 1 10.54 4.62 -14.39
CA GLN A 1 9.09 4.55 -14.68
C GLN A 1 8.40 5.88 -14.42
N PHE A 2 8.29 6.25 -13.15
CA PHE A 2 7.65 7.51 -12.78
C PHE A 2 8.55 8.32 -11.86
N ASP A 3 7.99 9.35 -11.22
CA ASP A 3 8.75 10.21 -10.32
C ASP A 3 8.09 10.28 -8.94
N LEU A 4 7.26 9.29 -8.62
CA LEU A 4 6.58 9.26 -7.33
C LEU A 4 7.35 8.39 -6.33
N THR A 5 7.86 9.03 -5.27
CA THR A 5 8.63 8.32 -4.26
C THR A 5 7.89 8.31 -2.92
N VAL A 6 7.62 7.11 -2.42
CA VAL A 6 6.93 6.95 -1.15
C VAL A 6 7.57 5.86 -0.30
N GLY A 7 7.96 6.23 0.91
CA GLY A 7 8.56 5.27 1.80
C GLY A 7 7.61 4.88 2.92
N ILE A 8 7.18 3.62 2.90
CA ILE A 8 6.27 3.12 3.92
C ILE A 8 7.07 2.45 5.03
N THR A 9 6.97 2.96 6.27
CA THR A 9 7.76 2.39 7.36
C THR A 9 7.05 2.42 8.71
N ASP A 10 6.93 1.24 9.32
CA ASP A 10 6.33 1.07 10.63
C ASP A 10 4.94 1.69 10.77
N PRO A 11 4.11 1.04 11.57
CA PRO A 11 2.74 1.42 11.85
C PRO A 11 2.59 2.01 13.25
N GLU A 12 2.51 3.33 13.34
CA GLU A 12 2.39 4.01 14.63
C GLU A 12 0.94 4.07 15.10
N LYS A 13 0.74 3.97 16.41
CA LYS A 13 -0.59 4.01 17.00
C LYS A 13 -1.21 5.39 16.88
N ILE A 14 -2.53 5.43 16.71
CA ILE A 14 -3.24 6.69 16.57
C ILE A 14 -3.98 7.05 17.86
N GLY A 15 -4.40 6.04 18.60
CA GLY A 15 -5.11 6.27 19.84
C GLY A 15 -4.55 5.45 20.99
N ASP A 16 -5.17 5.57 22.16
CA ASP A 16 -4.73 4.85 23.34
C ASP A 16 -5.71 5.05 24.49
N GLY A 17 -6.99 5.13 24.17
CA GLY A 17 -8.00 5.32 25.19
C GLY A 17 -9.04 4.22 25.19
N MET A 18 -9.72 4.05 24.06
CA MET A 18 -10.75 3.03 23.93
C MET A 18 -10.78 2.46 22.51
N ASN A 19 -11.07 3.31 21.54
CA ASN A 19 -11.12 2.90 20.14
C ASN A 19 -9.89 3.39 19.39
N ALA A 20 -8.73 2.85 19.75
CA ALA A 20 -7.47 3.24 19.12
C ALA A 20 -7.12 2.30 17.97
N TYR A 21 -6.43 2.84 16.96
CA TYR A 21 -6.02 2.05 15.81
C TYR A 21 -4.65 2.50 15.32
N VAL A 22 -4.14 1.83 14.30
CA VAL A 22 -2.85 2.19 13.74
C VAL A 22 -3.00 2.81 12.36
N ALA A 23 -2.04 3.64 12.04
CA ALA A 23 -1.99 4.32 10.77
C ALA A 23 -0.83 3.82 9.93
N TYR A 24 -0.62 4.43 8.77
CA TYR A 24 0.47 4.03 7.89
C TYR A 24 1.25 5.24 7.38
N LYS A 25 2.56 5.19 7.53
CA LYS A 25 3.42 6.28 7.09
C LYS A 25 3.65 6.22 5.59
N VAL A 26 2.75 6.84 4.83
CA VAL A 26 2.86 6.87 3.38
C VAL A 26 3.37 8.22 2.93
N THR A 27 4.69 8.40 2.97
CA THR A 27 5.32 9.65 2.57
C THR A 27 5.55 9.68 1.06
N THR A 28 4.46 9.76 0.31
CA THR A 28 4.55 9.81 -1.14
C THR A 28 5.05 11.17 -1.62
N GLN A 29 5.78 11.16 -2.72
CA GLN A 29 6.32 12.39 -3.27
C GLN A 29 6.36 12.34 -4.79
N THR A 30 5.47 13.10 -5.40
CA THR A 30 5.40 13.16 -6.86
C THR A 30 5.52 14.60 -7.34
N SER A 31 6.72 14.95 -7.78
CA SER A 31 6.99 16.29 -8.27
C SER A 31 6.31 16.54 -9.61
N LEU A 32 5.84 15.46 -10.25
CA LEU A 32 5.18 15.56 -11.55
C LEU A 32 3.78 16.17 -11.38
N PRO A 33 3.19 16.67 -12.47
CA PRO A 33 1.85 17.27 -12.43
C PRO A 33 0.78 16.23 -12.18
N LEU A 34 0.85 15.59 -11.01
CA LEU A 34 -0.12 14.56 -10.63
C LEU A 34 -1.15 15.11 -9.66
N PHE A 35 -0.71 15.39 -8.43
CA PHE A 35 -1.61 15.91 -7.41
C PHE A 35 -0.84 16.48 -6.23
N ARG A 36 -0.16 15.61 -5.50
CA ARG A 36 0.61 16.04 -4.32
C ARG A 36 1.48 17.25 -4.65
N SER A 37 2.39 17.09 -5.60
CA SER A 37 3.28 18.18 -6.01
C SER A 37 4.22 18.57 -4.87
N LYS A 38 3.66 19.14 -3.81
CA LYS A 38 4.45 19.56 -2.66
C LYS A 38 5.13 18.37 -2.00
N GLN A 39 4.54 17.19 -2.15
CA GLN A 39 5.09 15.96 -1.57
C GLN A 39 4.94 15.98 -0.05
N PHE A 40 4.50 14.86 0.51
CA PHE A 40 4.31 14.74 1.95
C PHE A 40 3.82 13.35 2.32
N ALA A 41 3.39 13.19 3.57
CA ALA A 41 2.89 11.91 4.05
C ALA A 41 1.45 12.00 4.53
N VAL A 42 0.80 10.85 4.61
CA VAL A 42 -0.58 10.76 5.06
C VAL A 42 -0.80 9.48 5.85
N LYS A 43 -1.61 9.56 6.89
CA LYS A 43 -1.90 8.40 7.73
C LYS A 43 -3.10 7.64 7.22
N ARG A 44 -2.89 6.38 6.88
CA ARG A 44 -3.95 5.52 6.38
C ARG A 44 -4.26 4.39 7.36
N ARG A 45 -5.53 4.04 7.47
CA ARG A 45 -5.95 2.98 8.38
C ARG A 45 -5.61 1.60 7.79
N PHE A 46 -5.67 0.58 8.64
CA PHE A 46 -5.37 -0.78 8.20
C PHE A 46 -6.44 -1.29 7.23
N SER A 47 -7.69 -1.02 7.55
CA SER A 47 -8.81 -1.46 6.71
C SER A 47 -8.78 -0.76 5.35
N ASP A 48 -8.62 0.56 5.37
CA ASP A 48 -8.58 1.34 4.14
C ASP A 48 -7.47 0.87 3.22
N PHE A 49 -6.26 0.76 3.76
CA PHE A 49 -5.11 0.30 2.99
C PHE A 49 -5.34 -1.11 2.48
N LEU A 50 -5.98 -1.92 3.30
CA LEU A 50 -6.28 -3.31 2.96
C LEU A 50 -7.07 -3.39 1.65
N GLY A 51 -7.90 -2.38 1.42
CA GLY A 51 -8.73 -2.35 0.22
C GLY A 51 -7.94 -2.64 -1.06
N LEU A 52 -6.85 -1.92 -1.27
CA LEU A 52 -6.03 -2.13 -2.47
C LEU A 52 -5.38 -3.49 -2.40
N TYR A 53 -5.01 -3.88 -1.20
CA TYR A 53 -4.36 -5.16 -0.98
C TYR A 53 -5.24 -6.31 -1.47
N GLU A 54 -6.47 -6.37 -0.96
CA GLU A 54 -7.41 -7.42 -1.34
C GLU A 54 -8.02 -7.18 -2.72
N LYS A 55 -8.37 -5.92 -3.00
CA LYS A 55 -8.98 -5.56 -4.28
C LYS A 55 -8.08 -5.90 -5.46
N LEU A 56 -6.81 -5.49 -5.37
CA LEU A 56 -5.85 -5.75 -6.44
C LEU A 56 -5.74 -7.25 -6.73
N SER A 57 -5.63 -8.06 -5.69
CA SER A 57 -5.52 -9.49 -5.84
C SER A 57 -6.87 -10.11 -6.17
N GLU A 58 -7.94 -9.52 -5.63
CA GLU A 58 -9.29 -10.02 -5.86
C GLU A 58 -9.69 -9.87 -7.32
N LYS A 59 -9.27 -8.78 -7.94
CA LYS A 59 -9.59 -8.51 -9.33
C LYS A 59 -9.07 -9.63 -10.24
N HIS A 60 -7.81 -10.03 -10.02
CA HIS A 60 -7.18 -11.09 -10.80
C HIS A 60 -7.50 -10.94 -12.30
N SER A 61 -8.56 -11.61 -12.75
CA SER A 61 -8.97 -11.56 -14.15
C SER A 61 -7.77 -11.73 -15.08
N GLN A 62 -7.32 -12.96 -15.25
CA GLN A 62 -6.20 -13.25 -16.13
C GLN A 62 -4.94 -12.52 -15.66
N ASN A 63 -3.98 -12.34 -16.57
CA ASN A 63 -2.73 -11.64 -16.26
C ASN A 63 -2.98 -10.40 -15.39
N GLY A 64 -1.97 -10.03 -14.61
CA GLY A 64 -2.08 -8.87 -13.72
C GLY A 64 -2.86 -7.73 -14.33
N PHE A 65 -2.15 -6.81 -14.99
CA PHE A 65 -2.80 -5.66 -15.63
C PHE A 65 -2.67 -5.73 -17.14
N ILE A 66 -1.50 -5.34 -17.66
CA ILE A 66 -1.25 -5.36 -19.10
C ILE A 66 0.21 -5.64 -19.40
N VAL A 67 1.09 -4.77 -18.91
CA VAL A 67 2.52 -4.93 -19.14
C VAL A 67 3.25 -5.22 -17.82
N PRO A 68 4.05 -6.30 -17.77
CA PRO A 68 4.79 -6.69 -16.56
C PRO A 68 5.76 -5.61 -16.05
N PRO A 69 6.49 -4.93 -16.95
CA PRO A 69 7.46 -3.90 -16.55
C PRO A 69 6.90 -2.82 -15.63
N PRO A 70 5.83 -2.10 -16.03
CA PRO A 70 5.26 -1.03 -15.21
C PRO A 70 5.08 -1.45 -13.74
N PRO A 71 4.33 -2.54 -13.47
CA PRO A 71 4.12 -3.01 -12.09
C PRO A 71 5.43 -3.17 -11.32
N GLU A 72 5.36 -3.88 -10.20
CA GLU A 72 6.54 -4.12 -9.37
C GLU A 72 7.07 -5.53 -9.58
N LYS A 73 7.80 -6.06 -8.60
CA LYS A 73 8.38 -7.40 -8.68
C LYS A 73 7.33 -8.42 -9.12
N SER A 74 7.77 -9.67 -9.29
CA SER A 74 6.88 -10.75 -9.72
C SER A 74 5.55 -10.72 -8.95
N LEU A 75 5.63 -10.75 -7.63
CA LEU A 75 4.41 -10.73 -6.80
C LEU A 75 4.76 -10.78 -5.31
N ILE A 76 5.89 -11.39 -4.99
CA ILE A 76 6.33 -11.51 -3.60
C ILE A 76 5.19 -11.94 -2.68
N GLY A 77 4.99 -13.24 -2.56
CA GLY A 77 3.93 -13.77 -1.70
C GLY A 77 3.76 -15.26 -1.86
N MET A 78 3.48 -15.93 -0.74
CA MET A 78 3.30 -17.38 -0.74
C MET A 78 4.57 -18.09 -1.18
N THR A 79 5.72 -17.49 -0.86
CA THR A 79 7.00 -18.07 -1.21
C THR A 79 7.75 -18.56 0.03
N LYS A 80 8.34 -17.63 0.76
CA LYS A 80 9.08 -17.97 1.97
C LYS A 80 8.36 -17.47 3.21
N VAL A 81 7.54 -16.43 3.05
CA VAL A 81 6.80 -15.86 4.17
C VAL A 81 6.02 -16.94 4.92
N LYS A 82 5.33 -16.53 5.99
CA LYS A 82 4.55 -17.47 6.80
C LYS A 82 3.09 -17.47 6.37
N VAL A 83 2.83 -17.06 5.14
CA VAL A 83 1.46 -17.02 4.62
C VAL A 83 0.63 -15.96 5.33
N GLY A 84 0.34 -16.20 6.61
CA GLY A 84 -0.45 -15.26 7.38
C GLY A 84 -1.90 -15.69 7.52
N LYS A 85 -2.80 -14.73 7.70
CA LYS A 85 -4.21 -15.01 7.85
C LYS A 85 -4.46 -15.92 9.05
N GLU A 86 -3.61 -15.80 10.07
CA GLU A 86 -3.73 -16.60 11.28
C GLU A 86 -3.13 -15.86 12.47
N ASP A 87 -3.92 -15.71 13.52
CA ASP A 87 -3.46 -15.03 14.73
C ASP A 87 -2.28 -15.76 15.35
N SER A 88 -1.94 -15.40 16.60
CA SER A 88 -0.82 -16.03 17.29
C SER A 88 0.50 -15.69 16.63
N SER A 89 1.29 -14.84 17.29
CA SER A 89 2.58 -14.44 16.75
C SER A 89 2.43 -13.73 15.41
N SER A 90 2.24 -12.42 15.46
CA SER A 90 2.09 -11.61 14.24
C SER A 90 2.53 -10.18 14.47
N ALA A 91 3.41 -9.98 15.46
CA ALA A 91 3.92 -8.65 15.76
C ALA A 91 4.89 -8.16 14.69
N GLU A 92 5.81 -9.04 14.28
CA GLU A 92 6.80 -8.69 13.27
C GLU A 92 6.15 -8.60 11.89
N PHE A 93 5.18 -9.48 11.64
CA PHE A 93 4.48 -9.50 10.36
C PHE A 93 3.84 -8.15 10.07
N LEU A 94 3.34 -7.50 11.11
CA LEU A 94 2.70 -6.19 10.97
C LEU A 94 3.65 -5.19 10.32
N GLU A 95 4.94 -5.32 10.64
CA GLU A 95 5.95 -4.42 10.09
C GLU A 95 6.30 -4.82 8.66
N LYS A 96 6.54 -6.10 8.43
CA LYS A 96 6.89 -6.60 7.11
C LYS A 96 5.88 -6.12 6.06
N ARG A 97 4.65 -5.91 6.48
CA ARG A 97 3.59 -5.44 5.59
C ARG A 97 3.96 -4.10 4.96
N ARG A 98 4.72 -3.30 5.69
CA ARG A 98 5.14 -1.99 5.21
C ARG A 98 5.86 -2.12 3.87
N ALA A 99 6.62 -3.19 3.73
CA ALA A 99 7.38 -3.48 2.52
C ALA A 99 6.45 -3.72 1.34
N ALA A 100 5.56 -4.69 1.49
CA ALA A 100 4.60 -5.03 0.43
C ALA A 100 3.67 -3.87 0.14
N LEU A 101 3.39 -3.07 1.16
CA LEU A 101 2.49 -1.93 1.01
C LEU A 101 3.05 -0.95 -0.03
N GLU A 102 4.34 -0.64 0.09
CA GLU A 102 4.98 0.27 -0.85
C GLU A 102 5.18 -0.38 -2.21
N ARG A 103 5.58 -1.65 -2.20
CA ARG A 103 5.82 -2.38 -3.44
C ARG A 103 4.56 -2.40 -4.30
N TYR A 104 3.43 -2.73 -3.69
CA TYR A 104 2.16 -2.77 -4.41
C TYR A 104 1.71 -1.35 -4.77
N LEU A 105 1.87 -0.42 -3.83
CA LEU A 105 1.48 0.96 -4.05
C LEU A 105 2.22 1.58 -5.22
N GLN A 106 3.51 1.26 -5.34
CA GLN A 106 4.32 1.80 -6.42
C GLN A 106 3.68 1.51 -7.77
N ARG A 107 2.97 0.38 -7.85
CA ARG A 107 2.29 0.01 -9.09
C ARG A 107 1.14 0.95 -9.35
N ILE A 108 0.33 1.18 -8.32
CA ILE A 108 -0.82 2.06 -8.43
C ILE A 108 -0.36 3.50 -8.70
N VAL A 109 0.61 3.98 -7.94
CA VAL A 109 1.12 5.31 -8.13
C VAL A 109 1.78 5.44 -9.50
N ASN A 110 2.45 4.37 -9.92
CA ASN A 110 3.11 4.35 -11.22
C ASN A 110 2.16 4.78 -12.35
N HIS A 111 1.16 3.95 -12.63
CA HIS A 111 0.20 4.25 -13.69
C HIS A 111 -1.13 4.76 -13.11
N PRO A 112 -1.61 5.93 -13.58
CA PRO A 112 -2.86 6.52 -13.10
C PRO A 112 -4.12 5.79 -13.57
N THR A 113 -4.14 5.40 -14.84
CA THR A 113 -5.30 4.72 -15.44
C THR A 113 -5.43 3.26 -15.01
N MET A 114 -4.30 2.61 -14.78
CA MET A 114 -4.31 1.19 -14.39
C MET A 114 -5.18 0.94 -13.17
N LEU A 115 -5.28 1.95 -12.31
CA LEU A 115 -6.06 1.85 -11.08
C LEU A 115 -7.51 1.46 -11.36
N GLN A 116 -8.16 2.21 -12.25
CA GLN A 116 -9.55 1.95 -12.61
C GLN A 116 -10.47 2.27 -11.43
N ASP A 117 -10.33 1.54 -10.33
CA ASP A 117 -11.15 1.76 -9.15
C ASP A 117 -10.99 3.19 -8.65
N PRO A 118 -12.10 3.94 -8.51
CA PRO A 118 -12.07 5.34 -8.06
C PRO A 118 -11.44 5.50 -6.68
N ASP A 119 -11.50 4.45 -5.85
CA ASP A 119 -10.93 4.52 -4.51
C ASP A 119 -9.41 4.43 -4.55
N VAL A 120 -8.91 3.40 -5.23
CA VAL A 120 -7.48 3.20 -5.33
C VAL A 120 -6.81 4.40 -5.97
N ARG A 121 -7.54 5.05 -6.86
CA ARG A 121 -7.04 6.24 -7.52
C ARG A 121 -6.69 7.30 -6.49
N GLU A 122 -7.42 7.30 -5.37
CA GLU A 122 -7.18 8.28 -4.31
C GLU A 122 -6.71 7.63 -3.01
N PHE A 123 -6.65 6.29 -2.98
CA PHE A 123 -6.20 5.58 -1.79
C PHE A 123 -4.69 5.53 -1.70
N LEU A 124 -4.04 5.62 -2.84
CA LEU A 124 -2.57 5.58 -2.90
C LEU A 124 -1.96 6.61 -1.95
N GLU A 125 -2.71 7.65 -1.64
CA GLU A 125 -2.23 8.70 -0.73
C GLU A 125 -3.37 9.27 0.09
N LYS A 126 -4.23 10.05 -0.56
CA LYS A 126 -5.38 10.67 0.11
C LYS A 126 -6.12 9.66 0.98
N GLU A 127 -6.89 10.17 1.93
CA GLU A 127 -7.66 9.32 2.84
C GLU A 127 -8.90 8.76 2.14
N GLU A 128 -9.84 9.63 1.83
CA GLU A 128 -11.07 9.23 1.16
C GLU A 128 -11.85 8.23 2.02
N GLN A 1 3.05 9.88 -17.72
CA GLN A 1 3.99 10.23 -16.62
C GLN A 1 3.24 10.50 -15.32
N PHE A 2 3.91 10.27 -14.20
CA PHE A 2 3.31 10.49 -12.89
C PHE A 2 4.38 10.70 -11.82
N ASP A 3 5.43 9.90 -11.87
CA ASP A 3 6.53 10.01 -10.90
C ASP A 3 5.99 10.07 -9.47
N LEU A 4 5.60 8.93 -8.92
CA LEU A 4 5.08 8.86 -7.57
C LEU A 4 6.04 8.12 -6.65
N THR A 5 6.62 8.84 -5.70
CA THR A 5 7.57 8.26 -4.76
C THR A 5 7.03 8.28 -3.34
N VAL A 6 6.84 7.10 -2.76
CA VAL A 6 6.32 6.99 -1.40
C VAL A 6 7.10 5.95 -0.61
N GLY A 7 7.35 6.26 0.66
CA GLY A 7 8.06 5.34 1.51
C GLY A 7 7.22 4.91 2.70
N ILE A 8 6.85 3.64 2.72
CA ILE A 8 6.03 3.11 3.80
C ILE A 8 6.94 2.48 4.86
N THR A 9 6.92 3.01 6.09
CA THR A 9 7.77 2.48 7.14
C THR A 9 7.10 2.48 8.52
N ASP A 10 7.05 1.30 9.12
CA ASP A 10 6.47 1.10 10.44
C ASP A 10 5.05 1.65 10.58
N PRO A 11 4.25 0.95 11.39
CA PRO A 11 2.86 1.23 11.66
C PRO A 11 2.64 1.77 13.07
N GLU A 12 2.52 3.09 13.21
CA GLU A 12 2.33 3.69 14.53
C GLU A 12 0.86 3.71 14.92
N LYS A 13 0.60 3.52 16.22
CA LYS A 13 -0.77 3.51 16.74
C LYS A 13 -1.33 4.92 16.80
N ILE A 14 -2.57 5.09 16.34
CA ILE A 14 -3.23 6.40 16.34
C ILE A 14 -4.46 6.38 17.23
N GLY A 15 -4.59 7.43 18.05
CA GLY A 15 -5.72 7.54 18.95
C GLY A 15 -5.64 6.59 20.12
N ASP A 16 -6.63 6.66 21.01
CA ASP A 16 -6.67 5.80 22.19
C ASP A 16 -7.97 6.00 22.96
N GLY A 17 -9.01 5.28 22.54
CA GLY A 17 -10.30 5.38 23.20
C GLY A 17 -11.19 4.20 22.92
N MET A 18 -10.89 3.07 23.57
CA MET A 18 -11.67 1.84 23.40
C MET A 18 -11.96 1.56 21.93
N ASN A 19 -11.07 2.01 21.06
CA ASN A 19 -11.23 1.81 19.62
C ASN A 19 -10.06 2.40 18.85
N ALA A 20 -8.86 2.19 19.37
CA ALA A 20 -7.64 2.70 18.73
C ALA A 20 -7.27 1.86 17.52
N TYR A 21 -6.47 2.45 16.63
CA TYR A 21 -6.03 1.76 15.42
C TYR A 21 -4.61 2.18 15.07
N VAL A 22 -4.02 1.50 14.09
CA VAL A 22 -2.68 1.85 13.65
C VAL A 22 -2.73 2.57 12.33
N ALA A 23 -1.82 3.50 12.17
CA ALA A 23 -1.71 4.29 10.97
C ALA A 23 -0.62 3.73 10.07
N TYR A 24 -0.37 4.43 8.97
CA TYR A 24 0.66 4.01 8.02
C TYR A 24 1.43 5.21 7.52
N LYS A 25 2.75 5.20 7.71
CA LYS A 25 3.58 6.31 7.28
C LYS A 25 3.81 6.23 5.78
N VAL A 26 2.90 6.85 5.03
CA VAL A 26 2.98 6.87 3.58
C VAL A 26 3.32 8.26 3.07
N THR A 27 4.61 8.55 2.99
CA THR A 27 5.06 9.85 2.51
C THR A 27 5.15 9.85 0.99
N THR A 28 3.99 9.83 0.34
CA THR A 28 3.94 9.83 -1.11
C THR A 28 4.32 11.19 -1.66
N GLN A 29 4.96 11.19 -2.83
CA GLN A 29 5.37 12.43 -3.43
C GLN A 29 5.42 12.34 -4.95
N THR A 30 4.88 13.35 -5.58
CA THR A 30 4.86 13.42 -7.04
C THR A 30 4.97 14.87 -7.48
N SER A 31 6.17 15.24 -7.88
CA SER A 31 6.46 16.59 -8.33
C SER A 31 5.60 16.98 -9.52
N LEU A 32 5.08 15.98 -10.21
CA LEU A 32 4.23 16.20 -11.38
C LEU A 32 3.24 17.35 -11.14
N PRO A 33 3.38 18.46 -11.88
CA PRO A 33 2.50 19.63 -11.73
C PRO A 33 1.10 19.41 -12.32
N LEU A 34 0.86 18.22 -12.88
CA LEU A 34 -0.43 17.91 -13.46
C LEU A 34 -1.34 17.21 -12.47
N PHE A 35 -0.77 16.68 -11.40
CA PHE A 35 -1.55 15.98 -10.39
C PHE A 35 -0.86 16.00 -9.03
N ARG A 36 -1.66 16.15 -7.98
CA ARG A 36 -1.14 16.14 -6.61
C ARG A 36 -0.25 17.37 -6.35
N SER A 37 0.98 17.34 -6.84
CA SER A 37 1.91 18.44 -6.64
C SER A 37 2.24 18.63 -5.16
N LYS A 38 1.31 19.24 -4.42
CA LYS A 38 1.49 19.48 -3.00
C LYS A 38 1.46 18.16 -2.22
N GLN A 39 2.45 17.31 -2.48
CA GLN A 39 2.54 16.02 -1.82
C GLN A 39 3.27 16.11 -0.49
N PHE A 40 3.43 14.96 0.18
CA PHE A 40 4.11 14.89 1.47
C PHE A 40 3.86 13.53 2.14
N ALA A 41 3.13 13.50 3.26
CA ALA A 41 2.84 12.24 3.94
C ALA A 41 1.52 12.31 4.69
N VAL A 42 0.88 11.16 4.87
CA VAL A 42 -0.39 11.08 5.56
C VAL A 42 -0.47 9.84 6.45
N LYS A 43 -1.46 9.82 7.34
CA LYS A 43 -1.65 8.68 8.22
C LYS A 43 -2.92 7.94 7.84
N ARG A 44 -2.78 6.67 7.47
CA ARG A 44 -3.93 5.86 7.08
C ARG A 44 -3.89 4.49 7.74
N ARG A 45 -5.06 4.00 8.14
CA ARG A 45 -5.16 2.70 8.77
C ARG A 45 -5.05 1.58 7.75
N PHE A 46 -4.78 0.38 8.22
CA PHE A 46 -4.65 -0.78 7.34
C PHE A 46 -6.01 -1.15 6.72
N SER A 47 -7.08 -0.84 7.44
CA SER A 47 -8.43 -1.13 6.97
C SER A 47 -8.70 -0.49 5.61
N ASP A 48 -8.35 0.78 5.47
CA ASP A 48 -8.56 1.50 4.23
C ASP A 48 -7.54 1.08 3.17
N PHE A 49 -6.27 1.11 3.55
CA PHE A 49 -5.19 0.72 2.62
C PHE A 49 -5.41 -0.68 2.10
N LEU A 50 -5.82 -1.57 2.99
CA LEU A 50 -6.07 -2.97 2.64
C LEU A 50 -7.07 -3.07 1.48
N GLY A 51 -8.00 -2.12 1.43
CA GLY A 51 -9.00 -2.12 0.37
C GLY A 51 -8.41 -2.31 -1.01
N LEU A 52 -7.21 -1.77 -1.23
CA LEU A 52 -6.54 -1.90 -2.52
C LEU A 52 -5.81 -3.22 -2.60
N TYR A 53 -4.95 -3.42 -1.62
CA TYR A 53 -4.15 -4.63 -1.53
C TYR A 53 -5.03 -5.87 -1.61
N GLU A 54 -6.18 -5.81 -0.96
CA GLU A 54 -7.11 -6.93 -0.96
C GLU A 54 -7.87 -7.01 -2.27
N LYS A 55 -8.31 -5.85 -2.77
CA LYS A 55 -9.04 -5.78 -4.03
C LYS A 55 -8.18 -6.22 -5.21
N LEU A 56 -6.97 -5.67 -5.29
CA LEU A 56 -6.06 -6.00 -6.38
C LEU A 56 -5.90 -7.51 -6.57
N SER A 57 -5.78 -8.24 -5.48
CA SER A 57 -5.61 -9.69 -5.55
C SER A 57 -6.91 -10.42 -5.88
N GLU A 58 -8.00 -10.01 -5.23
CA GLU A 58 -9.29 -10.65 -5.44
C GLU A 58 -9.92 -10.23 -6.77
N LYS A 59 -9.93 -8.92 -7.03
CA LYS A 59 -10.50 -8.39 -8.27
C LYS A 59 -9.83 -9.01 -9.49
N HIS A 60 -8.51 -9.06 -9.48
CA HIS A 60 -7.76 -9.63 -10.60
C HIS A 60 -6.25 -9.54 -10.36
N SER A 61 -5.65 -10.67 -9.98
CA SER A 61 -4.22 -10.72 -9.72
C SER A 61 -3.45 -10.82 -11.03
N GLN A 62 -2.35 -10.07 -11.13
CA GLN A 62 -1.52 -10.09 -12.33
C GLN A 62 -2.34 -9.58 -13.54
N ASN A 63 -2.29 -10.31 -14.65
CA ASN A 63 -3.02 -9.91 -15.85
C ASN A 63 -4.48 -9.60 -15.53
N GLY A 64 -4.87 -8.36 -15.75
CA GLY A 64 -6.24 -7.95 -15.49
C GLY A 64 -6.38 -6.46 -15.29
N PHE A 65 -5.70 -5.68 -16.14
CA PHE A 65 -5.75 -4.22 -16.05
C PHE A 65 -5.18 -3.58 -17.32
N ILE A 66 -6.05 -3.38 -18.31
CA ILE A 66 -5.66 -2.76 -19.58
C ILE A 66 -4.31 -3.30 -20.08
N VAL A 67 -3.22 -2.66 -19.69
CA VAL A 67 -1.89 -3.09 -20.10
C VAL A 67 -1.57 -4.49 -19.60
N PRO A 68 -1.53 -5.49 -20.50
CA PRO A 68 -1.25 -6.89 -20.14
C PRO A 68 -0.12 -7.02 -19.11
N PRO A 69 1.06 -6.43 -19.39
CA PRO A 69 2.22 -6.50 -18.50
C PRO A 69 1.84 -6.42 -17.01
N PRO A 70 2.05 -7.52 -16.26
CA PRO A 70 1.72 -7.56 -14.82
C PRO A 70 2.33 -6.40 -14.05
N PRO A 71 2.18 -6.40 -12.72
CA PRO A 71 2.71 -5.33 -11.85
C PRO A 71 4.23 -5.34 -11.79
N GLU A 72 4.88 -5.21 -12.94
CA GLU A 72 6.34 -5.20 -13.02
C GLU A 72 6.95 -6.38 -12.26
N LYS A 73 7.20 -6.20 -10.96
CA LYS A 73 7.78 -7.25 -10.14
C LYS A 73 6.89 -7.56 -8.93
N SER A 74 7.38 -8.41 -8.04
CA SER A 74 6.64 -8.77 -6.84
C SER A 74 7.59 -9.17 -5.71
N LEU A 75 8.10 -10.39 -5.77
CA LEU A 75 9.02 -10.88 -4.74
C LEU A 75 8.39 -10.80 -3.35
N ILE A 76 7.90 -11.94 -2.86
CA ILE A 76 7.27 -11.99 -1.55
C ILE A 76 7.48 -13.36 -0.90
N GLY A 77 8.71 -13.86 -0.96
CA GLY A 77 9.02 -15.16 -0.38
C GLY A 77 9.81 -16.03 -1.32
N MET A 78 11.12 -16.12 -1.08
CA MET A 78 11.99 -16.94 -1.92
C MET A 78 12.59 -18.09 -1.11
N THR A 79 12.93 -17.82 0.14
CA THR A 79 13.52 -18.83 1.00
C THR A 79 13.19 -18.55 2.47
N LYS A 80 13.93 -17.62 3.06
CA LYS A 80 13.73 -17.25 4.46
C LYS A 80 14.70 -16.15 4.88
N VAL A 81 14.49 -15.60 6.07
CA VAL A 81 15.34 -14.54 6.58
C VAL A 81 14.91 -14.11 7.98
N LYS A 82 15.04 -15.02 8.94
CA LYS A 82 14.66 -14.74 10.32
C LYS A 82 15.86 -14.81 11.26
N VAL A 83 15.98 -13.82 12.13
CA VAL A 83 17.09 -13.77 13.09
C VAL A 83 16.84 -12.71 14.16
N GLY A 84 17.48 -12.89 15.32
CA GLY A 84 17.31 -11.94 16.40
C GLY A 84 16.94 -12.62 17.71
N LYS A 85 15.93 -13.49 17.65
CA LYS A 85 15.47 -14.21 18.84
C LYS A 85 14.99 -13.23 19.90
N GLU A 86 13.81 -12.65 19.66
CA GLU A 86 13.23 -11.69 20.60
C GLU A 86 11.73 -11.90 20.72
N ASP A 87 11.25 -12.07 21.95
CA ASP A 87 9.83 -12.28 22.20
C ASP A 87 9.08 -10.95 22.20
N SER A 88 9.13 -10.25 21.07
CA SER A 88 8.44 -8.96 20.94
C SER A 88 6.97 -9.15 20.57
N SER A 89 6.64 -10.33 20.04
CA SER A 89 5.27 -10.64 19.66
C SER A 89 4.85 -9.80 18.45
N SER A 90 4.90 -10.42 17.28
CA SER A 90 4.51 -9.74 16.04
C SER A 90 5.40 -8.52 15.78
N ALA A 91 6.67 -8.63 16.15
CA ALA A 91 7.61 -7.54 15.96
C ALA A 91 7.96 -7.36 14.49
N GLU A 92 8.24 -8.47 13.81
CA GLU A 92 8.59 -8.44 12.39
C GLU A 92 7.34 -8.44 11.53
N PHE A 93 6.25 -8.98 12.07
CA PHE A 93 4.98 -9.04 11.33
C PHE A 93 4.61 -7.67 10.77
N LEU A 94 4.60 -6.66 11.62
CA LEU A 94 4.27 -5.30 11.20
C LEU A 94 5.21 -4.83 10.10
N GLU A 95 6.44 -5.33 10.10
CA GLU A 95 7.43 -4.97 9.10
C GLU A 95 7.08 -5.56 7.74
N LYS A 96 6.81 -6.86 7.72
CA LYS A 96 6.47 -7.55 6.48
C LYS A 96 5.25 -6.91 5.83
N ARG A 97 4.14 -6.85 6.56
CA ARG A 97 2.92 -6.25 6.06
C ARG A 97 3.15 -4.79 5.66
N ARG A 98 4.06 -4.13 6.38
CA ARG A 98 4.37 -2.73 6.11
C ARG A 98 5.03 -2.58 4.74
N ALA A 99 6.10 -3.35 4.53
CA ALA A 99 6.81 -3.32 3.25
C ALA A 99 5.88 -3.59 2.09
N ALA A 100 5.15 -4.70 2.17
CA ALA A 100 4.20 -5.10 1.14
C ALA A 100 3.29 -3.94 0.76
N LEU A 101 3.01 -3.06 1.72
CA LEU A 101 2.15 -1.92 1.51
C LEU A 101 2.68 -1.04 0.38
N GLU A 102 3.98 -0.72 0.44
CA GLU A 102 4.60 0.10 -0.59
C GLU A 102 4.77 -0.69 -1.88
N ARG A 103 5.10 -1.97 -1.76
CA ARG A 103 5.31 -2.82 -2.93
C ARG A 103 4.07 -2.84 -3.81
N TYR A 104 2.91 -3.07 -3.20
CA TYR A 104 1.65 -3.10 -3.93
C TYR A 104 1.25 -1.70 -4.38
N LEU A 105 1.35 -0.75 -3.47
CA LEU A 105 0.99 0.64 -3.76
C LEU A 105 1.80 1.20 -4.93
N GLN A 106 3.11 1.02 -4.90
CA GLN A 106 3.97 1.53 -5.96
C GLN A 106 3.52 1.04 -7.32
N ARG A 107 2.94 -0.16 -7.36
CA ARG A 107 2.48 -0.74 -8.62
C ARG A 107 1.27 0.02 -9.14
N ILE A 108 0.39 0.45 -8.24
CA ILE A 108 -0.80 1.18 -8.63
C ILE A 108 -0.44 2.64 -8.93
N VAL A 109 0.33 3.25 -8.04
CA VAL A 109 0.75 4.64 -8.24
C VAL A 109 1.60 4.74 -9.50
N ASN A 110 2.35 3.67 -9.78
CA ASN A 110 3.22 3.63 -10.96
C ASN A 110 2.52 4.20 -12.19
N HIS A 111 1.53 3.47 -12.70
CA HIS A 111 0.80 3.90 -13.89
C HIS A 111 -0.57 4.46 -13.50
N PRO A 112 -0.87 5.72 -13.86
CA PRO A 112 -2.16 6.34 -13.54
C PRO A 112 -3.33 5.60 -14.17
N THR A 113 -3.06 4.91 -15.27
CA THR A 113 -4.09 4.16 -15.98
C THR A 113 -4.37 2.82 -15.28
N MET A 114 -3.33 2.23 -14.69
CA MET A 114 -3.46 0.95 -14.02
C MET A 114 -4.54 1.01 -12.92
N LEU A 115 -4.36 1.94 -11.98
CA LEU A 115 -5.31 2.09 -10.89
C LEU A 115 -6.75 2.09 -11.41
N GLN A 116 -7.03 2.96 -12.39
CA GLN A 116 -8.34 3.05 -13.01
C GLN A 116 -9.44 3.44 -12.01
N ASP A 117 -9.69 2.57 -11.03
CA ASP A 117 -10.73 2.82 -10.05
C ASP A 117 -10.53 4.17 -9.34
N PRO A 118 -11.55 5.05 -9.38
CA PRO A 118 -11.48 6.37 -8.75
C PRO A 118 -11.13 6.29 -7.27
N ASP A 119 -11.40 5.14 -6.66
CA ASP A 119 -11.09 4.96 -5.24
C ASP A 119 -9.60 4.77 -5.04
N VAL A 120 -9.03 3.88 -5.82
CA VAL A 120 -7.61 3.59 -5.73
C VAL A 120 -6.82 4.86 -6.01
N ARG A 121 -7.22 5.54 -7.08
CA ARG A 121 -6.59 6.79 -7.46
C ARG A 121 -6.62 7.77 -6.29
N GLU A 122 -7.64 7.64 -5.44
CA GLU A 122 -7.77 8.52 -4.29
C GLU A 122 -7.59 7.77 -2.96
N PHE A 123 -7.08 6.54 -3.02
CA PHE A 123 -6.88 5.76 -1.81
C PHE A 123 -5.57 6.14 -1.12
N LEU A 124 -4.50 6.20 -1.89
CA LEU A 124 -3.20 6.55 -1.36
C LEU A 124 -3.10 8.04 -1.07
N GLU A 125 -3.89 8.83 -1.78
CA GLU A 125 -3.90 10.28 -1.60
C GLU A 125 -5.13 10.72 -0.81
N LYS A 126 -5.60 9.84 0.07
CA LYS A 126 -6.77 10.15 0.89
C LYS A 126 -6.37 10.95 2.12
N GLU A 127 -7.29 11.80 2.59
CA GLU A 127 -7.03 12.62 3.76
C GLU A 127 -8.10 12.41 4.83
N GLU A 128 -8.25 11.17 5.26
CA GLU A 128 -9.24 10.83 6.29
C GLU A 128 -10.65 11.17 5.82
N GLN A 1 6.55 9.85 -18.46
CA GLN A 1 7.06 9.00 -17.35
C GLN A 1 7.20 9.80 -16.06
N PHE A 2 6.09 10.00 -15.36
CA PHE A 2 6.11 10.75 -14.11
C PHE A 2 6.84 9.99 -13.02
N ASP A 3 6.91 10.58 -11.83
CA ASP A 3 7.60 9.95 -10.71
C ASP A 3 6.72 9.93 -9.46
N LEU A 4 6.91 8.92 -8.63
CA LEU A 4 6.15 8.77 -7.40
C LEU A 4 6.82 7.78 -6.46
N THR A 5 7.57 8.29 -5.49
CA THR A 5 8.27 7.44 -4.53
C THR A 5 7.75 7.66 -3.12
N VAL A 6 6.95 6.72 -2.63
CA VAL A 6 6.39 6.81 -1.28
C VAL A 6 7.17 5.90 -0.34
N GLY A 7 7.48 6.42 0.85
CA GLY A 7 8.20 5.63 1.82
C GLY A 7 7.31 5.15 2.94
N ILE A 8 7.10 3.84 3.02
CA ILE A 8 6.27 3.25 4.05
C ILE A 8 7.17 2.70 5.15
N THR A 9 7.06 3.23 6.38
CA THR A 9 7.90 2.76 7.47
C THR A 9 7.21 2.78 8.83
N ASP A 10 7.18 1.60 9.47
CA ASP A 10 6.59 1.43 10.78
C ASP A 10 5.16 1.90 10.87
N PRO A 11 4.38 1.21 11.71
CA PRO A 11 2.97 1.44 11.95
C PRO A 11 2.74 2.11 13.30
N GLU A 12 2.34 3.38 13.28
CA GLU A 12 2.10 4.12 14.52
C GLU A 12 0.69 3.88 15.05
N LYS A 13 0.59 3.58 16.34
CA LYS A 13 -0.70 3.34 16.98
C LYS A 13 -1.51 4.62 17.05
N ILE A 14 -2.83 4.48 16.93
CA ILE A 14 -3.72 5.64 16.98
C ILE A 14 -4.77 5.48 18.08
N GLY A 15 -5.26 6.60 18.58
CA GLY A 15 -6.27 6.58 19.61
C GLY A 15 -5.74 6.05 20.94
N ASP A 16 -5.30 4.80 20.95
CA ASP A 16 -4.76 4.17 22.16
C ASP A 16 -5.89 3.79 23.12
N GLY A 17 -5.78 2.62 23.74
CA GLY A 17 -6.78 2.17 24.67
C GLY A 17 -7.32 0.79 24.32
N MET A 18 -8.63 0.62 24.46
CA MET A 18 -9.27 -0.67 24.15
C MET A 18 -9.78 -0.68 22.71
N ASN A 19 -9.88 0.49 22.10
CA ASN A 19 -10.35 0.62 20.73
C ASN A 19 -9.41 1.50 19.92
N ALA A 20 -8.19 1.01 19.71
CA ALA A 20 -7.19 1.77 18.97
C ALA A 20 -6.90 1.13 17.61
N TYR A 21 -6.37 1.93 16.69
CA TYR A 21 -6.03 1.45 15.36
C TYR A 21 -4.69 2.03 14.93
N VAL A 22 -3.95 1.31 14.10
CA VAL A 22 -2.68 1.80 13.62
C VAL A 22 -2.80 2.49 12.29
N ALA A 23 -1.99 3.51 12.12
CA ALA A 23 -1.96 4.30 10.90
C ALA A 23 -0.81 3.81 10.01
N TYR A 24 -0.61 4.50 8.90
CA TYR A 24 0.46 4.12 7.97
C TYR A 24 1.06 5.36 7.32
N LYS A 25 2.33 5.62 7.63
CA LYS A 25 3.03 6.79 7.10
C LYS A 25 3.48 6.56 5.66
N VAL A 26 2.63 6.95 4.71
CA VAL A 26 2.95 6.83 3.30
C VAL A 26 3.32 8.19 2.74
N THR A 27 4.61 8.49 2.74
CA THR A 27 5.08 9.77 2.24
C THR A 27 5.29 9.73 0.73
N THR A 28 4.18 9.79 0.00
CA THR A 28 4.23 9.79 -1.46
C THR A 28 4.73 11.12 -1.97
N GLN A 29 5.90 11.11 -2.59
CA GLN A 29 6.48 12.34 -3.13
C GLN A 29 6.53 12.31 -4.65
N THR A 30 5.95 13.33 -5.24
CA THR A 30 5.91 13.47 -6.66
C THR A 30 5.70 14.93 -7.02
N SER A 31 6.77 15.57 -7.47
CA SER A 31 6.74 16.97 -7.83
C SER A 31 6.20 17.18 -9.24
N LEU A 32 5.80 16.11 -9.90
CA LEU A 32 5.28 16.20 -11.25
C LEU A 32 4.24 15.12 -11.56
N PRO A 33 3.30 14.87 -10.63
CA PRO A 33 2.26 13.87 -10.82
C PRO A 33 1.00 14.44 -11.44
N LEU A 34 0.93 15.77 -11.51
CA LEU A 34 -0.25 16.44 -12.04
C LEU A 34 -1.43 16.09 -11.14
N PHE A 35 -1.09 15.73 -9.91
CA PHE A 35 -2.07 15.36 -8.90
C PHE A 35 -1.77 16.03 -7.56
N ARG A 36 -0.77 15.51 -6.85
CA ARG A 36 -0.39 16.07 -5.55
C ARG A 36 0.29 17.41 -5.72
N SER A 37 1.24 17.47 -6.65
CA SER A 37 1.97 18.71 -6.94
C SER A 37 2.85 19.11 -5.76
N LYS A 38 2.23 19.47 -4.64
CA LYS A 38 2.97 19.90 -3.45
C LYS A 38 3.57 18.72 -2.70
N GLN A 39 3.04 17.51 -2.94
CA GLN A 39 3.54 16.32 -2.27
C GLN A 39 3.30 16.42 -0.77
N PHE A 40 3.33 15.28 -0.08
CA PHE A 40 3.11 15.25 1.37
C PHE A 40 2.94 13.82 1.88
N ALA A 41 2.55 13.71 3.15
CA ALA A 41 2.34 12.40 3.77
C ALA A 41 0.88 12.20 4.15
N VAL A 42 0.53 10.98 4.52
CA VAL A 42 -0.83 10.64 4.91
C VAL A 42 -0.85 9.32 5.67
N LYS A 43 -1.48 9.33 6.84
CA LYS A 43 -1.56 8.13 7.65
C LYS A 43 -2.81 7.33 7.30
N ARG A 44 -2.61 6.09 6.86
CA ARG A 44 -3.70 5.22 6.48
C ARG A 44 -3.89 4.10 7.51
N ARG A 45 -5.14 3.66 7.67
CA ARG A 45 -5.46 2.60 8.61
C ARG A 45 -5.22 1.23 7.96
N PHE A 46 -4.95 0.23 8.78
CA PHE A 46 -4.71 -1.12 8.28
C PHE A 46 -5.86 -1.59 7.39
N SER A 47 -7.08 -1.30 7.83
CA SER A 47 -8.28 -1.68 7.07
C SER A 47 -8.39 -0.87 5.79
N ASP A 48 -8.10 0.42 5.88
CA ASP A 48 -8.18 1.31 4.72
C ASP A 48 -7.13 0.95 3.68
N PHE A 49 -5.87 0.83 4.12
CA PHE A 49 -4.78 0.49 3.22
C PHE A 49 -5.06 -0.85 2.53
N LEU A 50 -5.73 -1.74 3.24
CA LEU A 50 -6.08 -3.05 2.72
C LEU A 50 -7.05 -2.95 1.55
N GLY A 51 -7.92 -1.95 1.60
CA GLY A 51 -8.91 -1.76 0.55
C GLY A 51 -8.33 -1.84 -0.85
N LEU A 52 -7.08 -1.42 -1.00
CA LEU A 52 -6.42 -1.46 -2.30
C LEU A 52 -5.84 -2.84 -2.54
N TYR A 53 -5.05 -3.27 -1.58
CA TYR A 53 -4.39 -4.57 -1.65
C TYR A 53 -5.42 -5.69 -1.89
N GLU A 54 -6.54 -5.63 -1.18
CA GLU A 54 -7.58 -6.64 -1.32
C GLU A 54 -8.40 -6.41 -2.60
N LYS A 55 -8.68 -5.15 -2.91
CA LYS A 55 -9.45 -4.82 -4.10
C LYS A 55 -8.66 -5.11 -5.37
N LEU A 56 -7.36 -4.89 -5.31
CA LEU A 56 -6.48 -5.12 -6.45
C LEU A 56 -6.35 -6.62 -6.72
N SER A 57 -6.21 -7.41 -5.66
CA SER A 57 -6.06 -8.85 -5.79
C SER A 57 -7.40 -9.52 -6.10
N GLU A 58 -8.45 -9.10 -5.40
CA GLU A 58 -9.78 -9.67 -5.61
C GLU A 58 -10.29 -9.42 -7.03
N LYS A 59 -9.92 -8.27 -7.59
CA LYS A 59 -10.34 -7.92 -8.94
C LYS A 59 -9.85 -8.95 -9.96
N HIS A 60 -8.73 -9.60 -9.65
CA HIS A 60 -8.16 -10.61 -10.55
C HIS A 60 -7.25 -11.57 -9.79
N SER A 61 -7.47 -12.86 -10.00
CA SER A 61 -6.68 -13.89 -9.32
C SER A 61 -5.17 -13.64 -9.49
N GLN A 62 -4.62 -14.03 -10.64
CA GLN A 62 -3.20 -13.85 -10.90
C GLN A 62 -2.97 -12.88 -12.05
N ASN A 63 -3.80 -12.99 -13.08
CA ASN A 63 -3.68 -12.11 -14.25
C ASN A 63 -3.64 -10.65 -13.85
N GLY A 64 -2.58 -9.95 -14.23
CA GLY A 64 -2.44 -8.56 -13.90
C GLY A 64 -3.56 -7.72 -14.46
N PHE A 65 -4.66 -7.64 -13.73
CA PHE A 65 -5.82 -6.86 -14.16
C PHE A 65 -6.39 -7.41 -15.47
N ILE A 66 -5.78 -7.02 -16.58
CA ILE A 66 -6.22 -7.47 -17.90
C ILE A 66 -5.07 -7.48 -18.89
N VAL A 67 -4.34 -6.36 -18.95
CA VAL A 67 -3.21 -6.23 -19.86
C VAL A 67 -1.88 -6.53 -19.14
N PRO A 68 -0.77 -6.64 -19.88
CA PRO A 68 0.55 -6.97 -19.32
C PRO A 68 1.10 -5.90 -18.36
N PRO A 69 1.03 -4.61 -18.73
CA PRO A 69 1.55 -3.51 -17.90
C PRO A 69 1.22 -3.66 -16.41
N PRO A 70 -0.06 -3.93 -16.07
CA PRO A 70 -0.50 -4.08 -14.68
C PRO A 70 0.49 -4.85 -13.80
N PRO A 71 0.14 -5.10 -12.52
CA PRO A 71 1.00 -5.82 -11.59
C PRO A 71 1.56 -7.11 -12.18
N GLU A 72 2.74 -7.50 -11.71
CA GLU A 72 3.39 -8.72 -12.19
C GLU A 72 4.36 -9.27 -11.15
N LYS A 73 4.80 -10.51 -11.35
CA LYS A 73 5.73 -11.15 -10.43
C LYS A 73 5.09 -11.33 -9.05
N SER A 74 5.08 -10.26 -8.26
CA SER A 74 4.50 -10.31 -6.93
C SER A 74 5.17 -11.40 -6.07
N LEU A 75 6.17 -11.00 -5.31
CA LEU A 75 6.89 -11.94 -4.45
C LEU A 75 6.72 -11.57 -2.99
N ILE A 76 5.50 -11.21 -2.60
CA ILE A 76 5.20 -10.82 -1.23
C ILE A 76 4.40 -11.90 -0.51
N GLY A 77 3.77 -12.78 -1.28
CA GLY A 77 2.98 -13.85 -0.69
C GLY A 77 3.75 -14.67 0.33
N MET A 78 4.22 -15.84 -0.08
CA MET A 78 4.97 -16.73 0.81
C MET A 78 4.14 -17.08 2.05
N THR A 79 4.25 -16.25 3.09
CA THR A 79 3.51 -16.46 4.33
C THR A 79 3.58 -17.93 4.78
N LYS A 80 2.61 -18.73 4.34
CA LYS A 80 2.57 -20.15 4.69
C LYS A 80 2.50 -20.34 6.20
N VAL A 81 2.46 -21.60 6.63
CA VAL A 81 2.38 -21.92 8.05
C VAL A 81 3.76 -21.88 8.70
N LYS A 82 3.86 -22.40 9.92
CA LYS A 82 5.13 -22.42 10.64
C LYS A 82 5.61 -21.00 10.94
N VAL A 83 5.68 -20.68 12.23
CA VAL A 83 6.11 -19.36 12.66
C VAL A 83 7.10 -19.46 13.82
N GLY A 84 8.33 -19.86 13.52
CA GLY A 84 9.34 -20.01 14.55
C GLY A 84 9.63 -18.70 15.26
N LYS A 85 8.95 -18.46 16.37
CA LYS A 85 9.13 -17.24 17.15
C LYS A 85 8.28 -17.26 18.41
N GLU A 86 8.93 -17.05 19.55
CA GLU A 86 8.24 -17.05 20.84
C GLU A 86 7.20 -15.93 20.90
N ASP A 87 6.51 -15.83 22.04
CA ASP A 87 5.49 -14.81 22.23
C ASP A 87 4.21 -15.15 21.46
N SER A 88 3.32 -14.18 21.35
CA SER A 88 2.06 -14.38 20.64
C SER A 88 2.30 -14.91 19.24
N SER A 89 2.88 -14.08 18.39
CA SER A 89 3.15 -14.47 17.01
C SER A 89 4.53 -13.98 16.57
N SER A 90 4.64 -12.67 16.34
CA SER A 90 5.90 -12.07 15.92
C SER A 90 5.76 -10.57 15.75
N ALA A 91 6.72 -9.82 16.30
CA ALA A 91 6.70 -8.37 16.21
C ALA A 91 7.02 -7.90 14.80
N GLU A 92 8.05 -8.49 14.22
CA GLU A 92 8.48 -8.15 12.86
C GLU A 92 7.39 -8.45 11.85
N PHE A 93 6.52 -9.40 12.17
CA PHE A 93 5.43 -9.79 11.28
C PHE A 93 4.66 -8.57 10.80
N LEU A 94 4.22 -7.73 11.74
CA LEU A 94 3.47 -6.53 11.41
C LEU A 94 4.32 -5.57 10.59
N GLU A 95 5.63 -5.61 10.81
CA GLU A 95 6.56 -4.74 10.08
C GLU A 95 6.66 -5.14 8.62
N LYS A 96 6.88 -6.43 8.37
CA LYS A 96 7.01 -6.94 7.00
C LYS A 96 5.81 -6.55 6.15
N ARG A 97 4.67 -6.31 6.80
CA ARG A 97 3.45 -5.94 6.10
C ARG A 97 3.56 -4.53 5.50
N ARG A 98 4.24 -3.63 6.19
CA ARG A 98 4.41 -2.27 5.72
C ARG A 98 5.27 -2.21 4.46
N ALA A 99 6.28 -3.08 4.39
CA ALA A 99 7.16 -3.11 3.25
C ALA A 99 6.39 -3.45 1.98
N ALA A 100 5.54 -4.46 2.07
CA ALA A 100 4.72 -4.90 0.95
C ALA A 100 3.76 -3.81 0.51
N LEU A 101 3.32 -2.99 1.45
CA LEU A 101 2.37 -1.91 1.15
C LEU A 101 2.98 -0.94 0.14
N GLU A 102 4.25 -0.64 0.29
CA GLU A 102 4.94 0.26 -0.63
C GLU A 102 5.19 -0.42 -1.97
N ARG A 103 5.50 -1.71 -1.92
CA ARG A 103 5.78 -2.47 -3.14
C ARG A 103 4.54 -2.53 -4.03
N TYR A 104 3.40 -2.88 -3.45
CA TYR A 104 2.16 -2.96 -4.21
C TYR A 104 1.68 -1.56 -4.60
N LEU A 105 1.81 -0.61 -3.68
CA LEU A 105 1.39 0.75 -3.94
C LEU A 105 2.15 1.35 -5.11
N GLN A 106 3.45 1.09 -5.17
CA GLN A 106 4.28 1.60 -6.26
C GLN A 106 3.70 1.19 -7.60
N ARG A 107 3.06 0.02 -7.63
CA ARG A 107 2.46 -0.48 -8.85
C ARG A 107 1.22 0.35 -9.18
N ILE A 108 0.42 0.63 -8.17
CA ILE A 108 -0.78 1.42 -8.35
C ILE A 108 -0.42 2.86 -8.69
N VAL A 109 0.64 3.36 -8.07
CA VAL A 109 1.09 4.72 -8.33
C VAL A 109 1.85 4.78 -9.66
N ASN A 110 2.50 3.67 -10.01
CA ASN A 110 3.27 3.59 -11.25
C ASN A 110 2.38 3.84 -12.46
N HIS A 111 1.39 2.96 -12.67
CA HIS A 111 0.49 3.09 -13.81
C HIS A 111 -0.86 3.69 -13.40
N PRO A 112 -1.24 4.83 -13.98
CA PRO A 112 -2.52 5.48 -13.66
C PRO A 112 -3.72 4.70 -14.21
N THR A 113 -3.65 4.35 -15.49
CA THR A 113 -4.71 3.60 -16.14
C THR A 113 -4.80 2.17 -15.60
N MET A 114 -3.69 1.69 -15.05
CA MET A 114 -3.63 0.34 -14.50
C MET A 114 -4.75 0.09 -13.49
N LEU A 115 -5.06 1.10 -12.69
CA LEU A 115 -6.11 0.97 -11.69
C LEU A 115 -7.44 1.51 -12.20
N GLN A 116 -7.43 2.75 -12.70
CA GLN A 116 -8.63 3.39 -13.23
C GLN A 116 -9.81 3.26 -12.25
N ASP A 117 -9.50 3.14 -10.97
CA ASP A 117 -10.53 3.02 -9.94
C ASP A 117 -10.59 4.29 -9.10
N PRO A 118 -11.77 4.93 -9.02
CA PRO A 118 -11.96 6.17 -8.25
C PRO A 118 -11.56 6.05 -6.78
N ASP A 119 -11.64 4.84 -6.24
CA ASP A 119 -11.29 4.62 -4.84
C ASP A 119 -9.79 4.65 -4.61
N VAL A 120 -9.08 3.84 -5.37
CA VAL A 120 -7.62 3.77 -5.26
C VAL A 120 -7.03 5.05 -5.80
N ARG A 121 -7.61 5.53 -6.90
CA ARG A 121 -7.17 6.77 -7.51
C ARG A 121 -7.30 7.90 -6.50
N GLU A 122 -8.27 7.76 -5.58
CA GLU A 122 -8.49 8.76 -4.55
C GLU A 122 -7.85 8.33 -3.23
N PHE A 123 -7.49 7.05 -3.12
CA PHE A 123 -6.87 6.53 -1.91
C PHE A 123 -5.52 7.21 -1.66
N LEU A 124 -4.71 7.29 -2.71
CA LEU A 124 -3.39 7.91 -2.61
C LEU A 124 -3.48 9.35 -2.10
N GLU A 125 -4.65 9.96 -2.26
CA GLU A 125 -4.85 11.34 -1.81
C GLU A 125 -6.09 11.48 -0.93
N LYS A 126 -6.46 10.41 -0.24
CA LYS A 126 -7.62 10.42 0.63
C LYS A 126 -7.21 10.72 2.07
N GLU A 127 -8.16 11.21 2.87
CA GLU A 127 -7.89 11.53 4.26
C GLU A 127 -9.19 11.73 5.04
N GLU A 128 -9.42 10.86 6.02
CA GLU A 128 -10.63 10.94 6.84
C GLU A 128 -10.38 10.34 8.22
N GLN A 1 5.71 9.77 -17.19
CA GLN A 1 5.43 9.02 -15.93
C GLN A 1 4.62 9.84 -14.95
N PHE A 2 4.37 9.28 -13.78
CA PHE A 2 3.60 9.97 -12.75
C PHE A 2 4.51 10.72 -11.79
N ASP A 3 5.77 10.29 -11.73
CA ASP A 3 6.75 10.93 -10.84
C ASP A 3 6.38 10.74 -9.37
N LEU A 4 5.69 9.64 -9.07
CA LEU A 4 5.28 9.35 -7.70
C LEU A 4 6.21 8.33 -7.05
N THR A 5 6.52 8.55 -5.78
CA THR A 5 7.39 7.63 -5.03
C THR A 5 7.12 7.73 -3.54
N VAL A 6 6.47 6.71 -2.99
CA VAL A 6 6.15 6.70 -1.57
C VAL A 6 6.96 5.64 -0.82
N GLY A 7 6.95 5.76 0.50
CA GLY A 7 7.65 4.82 1.36
C GLY A 7 6.93 4.64 2.67
N ILE A 8 6.39 3.45 2.92
CA ILE A 8 5.65 3.21 4.15
C ILE A 8 6.61 2.94 5.31
N THR A 9 6.59 3.83 6.30
CA THR A 9 7.43 3.70 7.49
C THR A 9 6.83 4.48 8.66
N ASP A 10 6.88 3.90 9.87
CA ASP A 10 6.35 4.56 11.07
C ASP A 10 5.07 3.91 11.62
N PRO A 11 4.21 3.32 10.76
CA PRO A 11 2.95 2.72 11.20
C PRO A 11 3.00 2.02 12.55
N GLU A 12 2.36 2.65 13.52
CA GLU A 12 2.28 2.12 14.88
C GLU A 12 0.82 1.92 15.23
N LYS A 13 0.52 1.00 16.13
CA LYS A 13 -0.86 0.74 16.50
C LYS A 13 -1.45 1.93 17.28
N ILE A 14 -2.25 2.71 16.57
CA ILE A 14 -2.91 3.89 17.12
C ILE A 14 -3.87 3.50 18.25
N GLY A 15 -4.24 4.49 19.07
CA GLY A 15 -5.16 4.26 20.17
C GLY A 15 -4.84 3.00 20.96
N ASP A 16 -5.84 2.49 21.67
CA ASP A 16 -5.67 1.29 22.47
C ASP A 16 -6.99 0.90 23.16
N GLY A 17 -6.95 -0.16 23.97
CA GLY A 17 -8.14 -0.61 24.65
C GLY A 17 -8.98 -1.57 23.83
N MET A 18 -8.52 -2.81 23.73
CA MET A 18 -9.22 -3.85 22.96
C MET A 18 -9.91 -3.28 21.72
N ASN A 19 -9.26 -2.30 21.09
CA ASN A 19 -9.81 -1.68 19.89
C ASN A 19 -8.89 -0.56 19.40
N ALA A 20 -7.85 -0.94 18.66
CA ALA A 20 -6.90 0.03 18.13
C ALA A 20 -6.50 -0.32 16.69
N TYR A 21 -5.99 0.68 15.99
CA TYR A 21 -5.56 0.51 14.60
C TYR A 21 -4.23 1.19 14.38
N VAL A 22 -3.44 0.71 13.42
CA VAL A 22 -2.18 1.35 13.13
C VAL A 22 -2.33 2.26 11.92
N ALA A 23 -1.70 3.41 12.01
CA ALA A 23 -1.74 4.39 10.96
C ALA A 23 -0.74 4.04 9.86
N TYR A 24 -1.02 4.48 8.64
CA TYR A 24 -0.15 4.19 7.51
C TYR A 24 0.52 5.46 7.02
N LYS A 25 1.77 5.65 7.39
CA LYS A 25 2.51 6.83 6.97
C LYS A 25 3.02 6.67 5.55
N VAL A 26 2.18 7.09 4.61
CA VAL A 26 2.52 7.00 3.19
C VAL A 26 3.14 8.31 2.72
N THR A 27 4.47 8.35 2.71
CA THR A 27 5.18 9.55 2.28
C THR A 27 5.36 9.60 0.78
N THR A 28 4.25 9.89 0.09
CA THR A 28 4.27 9.97 -1.36
C THR A 28 4.79 11.34 -1.81
N GLN A 29 5.55 11.35 -2.90
CA GLN A 29 6.10 12.58 -3.42
C GLN A 29 5.97 12.65 -4.93
N THR A 30 4.97 13.37 -5.39
CA THR A 30 4.75 13.52 -6.82
C THR A 30 4.63 15.00 -7.18
N SER A 31 5.73 15.55 -7.68
CA SER A 31 5.77 16.95 -8.07
C SER A 31 4.74 17.26 -9.14
N LEU A 32 4.34 16.23 -9.89
CA LEU A 32 3.35 16.39 -10.94
C LEU A 32 2.03 16.89 -10.36
N PRO A 33 1.52 18.01 -10.87
CA PRO A 33 0.24 18.58 -10.40
C PRO A 33 -0.91 17.62 -10.61
N LEU A 34 -1.07 16.67 -9.69
CA LEU A 34 -2.15 15.70 -9.79
C LEU A 34 -2.86 15.51 -8.46
N PHE A 35 -2.15 14.95 -7.47
CA PHE A 35 -2.74 14.71 -6.16
C PHE A 35 -1.70 14.80 -5.04
N ARG A 36 -1.03 15.94 -4.95
CA ARG A 36 -0.02 16.15 -3.92
C ARG A 36 0.37 17.62 -3.84
N SER A 37 0.94 18.13 -4.93
CA SER A 37 1.36 19.53 -5.00
C SER A 37 2.55 19.81 -4.10
N LYS A 38 2.37 19.64 -2.79
CA LYS A 38 3.43 19.91 -1.83
C LYS A 38 4.22 18.65 -1.47
N GLN A 39 3.61 17.49 -1.63
CA GLN A 39 4.27 16.22 -1.30
C GLN A 39 4.49 16.11 0.20
N PHE A 40 4.14 14.96 0.78
CA PHE A 40 4.31 14.75 2.22
C PHE A 40 3.89 13.35 2.64
N ALA A 41 3.62 13.18 3.94
CA ALA A 41 3.21 11.90 4.49
C ALA A 41 1.72 11.90 4.83
N VAL A 42 1.06 10.76 4.59
CA VAL A 42 -0.37 10.63 4.86
C VAL A 42 -0.63 9.70 6.04
N LYS A 43 -1.63 10.03 6.84
CA LYS A 43 -2.00 9.22 8.01
C LYS A 43 -3.37 8.58 7.78
N ARG A 44 -3.40 7.25 7.78
CA ARG A 44 -4.65 6.53 7.58
C ARG A 44 -4.60 5.15 8.22
N ARG A 45 -5.73 4.69 8.73
CA ARG A 45 -5.82 3.38 9.36
C ARG A 45 -5.72 2.27 8.33
N PHE A 46 -5.56 1.03 8.82
CA PHE A 46 -5.46 -0.12 7.93
C PHE A 46 -6.70 -0.26 7.05
N SER A 47 -7.85 0.09 7.60
CA SER A 47 -9.11 0.01 6.87
C SER A 47 -9.08 0.88 5.62
N ASP A 48 -8.33 1.97 5.67
CA ASP A 48 -8.22 2.88 4.53
C ASP A 48 -7.48 2.23 3.37
N PHE A 49 -6.31 1.67 3.64
CA PHE A 49 -5.51 1.02 2.61
C PHE A 49 -6.07 -0.34 2.24
N LEU A 50 -6.80 -0.96 3.17
CA LEU A 50 -7.38 -2.27 2.93
C LEU A 50 -8.24 -2.26 1.68
N GLY A 51 -8.88 -1.13 1.40
CA GLY A 51 -9.72 -1.03 0.22
C GLY A 51 -9.04 -1.55 -1.04
N LEU A 52 -7.74 -1.26 -1.17
CA LEU A 52 -6.95 -1.72 -2.31
C LEU A 52 -6.49 -3.14 -2.10
N TYR A 53 -5.91 -3.36 -0.94
CA TYR A 53 -5.38 -4.67 -0.57
C TYR A 53 -6.44 -5.76 -0.73
N GLU A 54 -7.65 -5.49 -0.25
CA GLU A 54 -8.75 -6.44 -0.35
C GLU A 54 -9.32 -6.48 -1.77
N LYS A 55 -9.33 -5.32 -2.43
CA LYS A 55 -9.86 -5.23 -3.79
C LYS A 55 -8.99 -5.96 -4.79
N LEU A 56 -7.68 -5.70 -4.75
CA LEU A 56 -6.74 -6.32 -5.67
C LEU A 56 -6.53 -7.79 -5.32
N SER A 57 -6.68 -8.13 -4.05
CA SER A 57 -6.51 -9.51 -3.60
C SER A 57 -7.54 -10.43 -4.27
N GLU A 58 -8.79 -9.98 -4.32
CA GLU A 58 -9.86 -10.76 -4.92
C GLU A 58 -9.76 -10.73 -6.44
N LYS A 59 -9.59 -9.53 -6.99
CA LYS A 59 -9.48 -9.34 -8.43
C LYS A 59 -8.24 -10.05 -8.98
N HIS A 60 -7.14 -9.95 -8.25
CA HIS A 60 -5.89 -10.57 -8.66
C HIS A 60 -5.39 -9.96 -9.96
N SER A 61 -4.16 -10.30 -10.35
CA SER A 61 -3.56 -9.78 -11.57
C SER A 61 -3.67 -10.79 -12.70
N GLN A 62 -4.45 -10.45 -13.72
CA GLN A 62 -4.62 -11.34 -14.87
C GLN A 62 -5.43 -10.65 -15.97
N ASN A 63 -6.55 -10.06 -15.60
CA ASN A 63 -7.41 -9.37 -16.55
C ASN A 63 -7.49 -7.88 -16.22
N GLY A 64 -7.62 -7.05 -17.26
CA GLY A 64 -7.71 -5.62 -17.06
C GLY A 64 -6.39 -4.92 -17.29
N PHE A 65 -5.34 -5.40 -16.64
CA PHE A 65 -4.01 -4.81 -16.78
C PHE A 65 -3.33 -5.31 -18.06
N ILE A 66 -3.41 -6.60 -18.31
CA ILE A 66 -2.81 -7.20 -19.51
C ILE A 66 -1.29 -7.23 -19.39
N VAL A 67 -0.68 -6.05 -19.29
CA VAL A 67 0.77 -5.95 -19.18
C VAL A 67 1.29 -6.69 -17.95
N PRO A 68 2.41 -7.44 -18.09
CA PRO A 68 2.98 -8.21 -17.00
C PRO A 68 4.12 -7.54 -16.21
N PRO A 69 4.31 -6.20 -16.27
CA PRO A 69 5.39 -5.53 -15.54
C PRO A 69 5.35 -5.87 -14.04
N PRO A 70 6.13 -5.16 -13.20
CA PRO A 70 6.17 -5.41 -11.75
C PRO A 70 4.79 -5.65 -11.13
N PRO A 71 3.76 -4.86 -11.50
CA PRO A 71 2.41 -5.01 -10.95
C PRO A 71 1.86 -6.42 -11.19
N GLU A 72 2.07 -7.31 -10.23
CA GLU A 72 1.59 -8.69 -10.33
C GLU A 72 1.70 -9.41 -9.00
N LYS A 73 2.77 -9.15 -8.26
CA LYS A 73 2.99 -9.77 -6.96
C LYS A 73 2.83 -11.30 -7.04
N SER A 74 2.97 -11.96 -5.89
CA SER A 74 2.85 -13.41 -5.83
C SER A 74 2.58 -13.87 -4.38
N LEU A 75 1.71 -13.15 -3.69
CA LEU A 75 1.38 -13.47 -2.31
C LEU A 75 2.60 -13.33 -1.40
N ILE A 76 2.42 -12.66 -0.28
CA ILE A 76 3.50 -12.46 0.68
C ILE A 76 3.54 -13.60 1.70
N GLY A 77 4.38 -14.58 1.44
CA GLY A 77 4.50 -15.72 2.35
C GLY A 77 3.21 -16.48 2.48
N MET A 78 3.17 -17.42 3.43
CA MET A 78 1.97 -18.22 3.66
C MET A 78 1.80 -18.55 5.13
N THR A 79 2.44 -17.77 5.99
CA THR A 79 2.36 -17.96 7.43
C THR A 79 2.64 -19.42 7.81
N LYS A 80 2.31 -19.79 9.04
CA LYS A 80 2.52 -21.14 9.52
C LYS A 80 1.40 -21.59 10.45
N VAL A 81 0.95 -22.83 10.29
CA VAL A 81 -0.12 -23.36 11.11
C VAL A 81 0.39 -23.79 12.49
N LYS A 82 -0.02 -23.05 13.52
CA LYS A 82 0.40 -23.35 14.88
C LYS A 82 1.92 -23.30 15.01
N VAL A 83 2.42 -22.26 15.67
CA VAL A 83 3.86 -22.09 15.86
C VAL A 83 4.51 -23.38 16.36
N GLY A 84 4.40 -23.64 17.66
CA GLY A 84 4.99 -24.84 18.23
C GLY A 84 6.49 -24.72 18.45
N LYS A 85 7.22 -24.46 17.36
CA LYS A 85 8.68 -24.33 17.45
C LYS A 85 9.12 -22.89 17.16
N GLU A 86 9.20 -22.55 15.88
CA GLU A 86 9.61 -21.20 15.48
C GLU A 86 8.49 -20.19 15.72
N ASP A 87 8.83 -19.09 16.37
CA ASP A 87 7.86 -18.05 16.66
C ASP A 87 8.46 -16.67 16.43
N SER A 88 9.64 -16.44 17.01
CA SER A 88 10.33 -15.16 16.89
C SER A 88 9.50 -14.02 17.47
N SER A 89 8.52 -13.54 16.70
CA SER A 89 7.67 -12.45 17.15
C SER A 89 6.64 -12.11 16.07
N SER A 90 5.53 -11.52 16.50
CA SER A 90 4.46 -11.12 15.57
C SER A 90 4.58 -9.64 15.22
N ALA A 91 5.07 -8.85 16.16
CA ALA A 91 5.23 -7.41 15.96
C ALA A 91 6.20 -7.14 14.82
N GLU A 92 7.31 -7.85 14.80
CA GLU A 92 8.32 -7.67 13.76
C GLU A 92 7.80 -8.13 12.41
N PHE A 93 6.99 -9.19 12.41
CA PHE A 93 6.42 -9.72 11.18
C PHE A 93 5.60 -8.66 10.46
N LEU A 94 4.91 -7.83 11.24
CA LEU A 94 4.08 -6.76 10.68
C LEU A 94 4.90 -5.85 9.76
N GLU A 95 6.19 -5.73 10.07
CA GLU A 95 7.09 -4.88 9.28
C GLU A 95 7.02 -5.25 7.79
N LYS A 96 6.76 -6.53 7.52
CA LYS A 96 6.66 -7.00 6.15
C LYS A 96 5.45 -6.39 5.45
N ARG A 97 4.38 -6.19 6.22
CA ARG A 97 3.15 -5.61 5.69
C ARG A 97 3.35 -4.13 5.35
N ARG A 98 4.21 -3.46 6.10
CA ARG A 98 4.48 -2.04 5.86
C ARG A 98 5.36 -1.84 4.63
N ALA A 99 6.49 -2.54 4.60
CA ALA A 99 7.42 -2.45 3.48
C ALA A 99 6.74 -2.91 2.19
N ALA A 100 6.22 -4.14 2.22
CA ALA A 100 5.52 -4.70 1.06
C ALA A 100 4.43 -3.77 0.58
N LEU A 101 3.87 -3.00 1.51
CA LEU A 101 2.79 -2.09 1.19
C LEU A 101 3.22 -1.06 0.14
N GLU A 102 4.50 -0.67 0.18
CA GLU A 102 4.99 0.30 -0.79
C GLU A 102 5.13 -0.32 -2.18
N ARG A 103 5.78 -1.48 -2.26
CA ARG A 103 5.94 -2.14 -3.55
C ARG A 103 4.58 -2.40 -4.16
N TYR A 104 3.64 -2.89 -3.34
CA TYR A 104 2.29 -3.15 -3.80
C TYR A 104 1.61 -1.85 -4.20
N LEU A 105 2.01 -0.75 -3.55
CA LEU A 105 1.44 0.57 -3.84
C LEU A 105 2.12 1.22 -5.04
N GLN A 106 3.42 1.02 -5.16
CA GLN A 106 4.19 1.62 -6.24
C GLN A 106 3.65 1.19 -7.61
N ARG A 107 3.19 -0.06 -7.71
CA ARG A 107 2.67 -0.56 -8.97
C ARG A 107 1.42 0.22 -9.38
N ILE A 108 0.49 0.37 -8.46
CA ILE A 108 -0.75 1.11 -8.73
C ILE A 108 -0.44 2.57 -9.02
N VAL A 109 0.43 3.18 -8.22
CA VAL A 109 0.81 4.57 -8.44
C VAL A 109 1.72 4.70 -9.66
N ASN A 110 2.42 3.62 -9.99
CA ASN A 110 3.34 3.61 -11.13
C ASN A 110 2.65 4.01 -12.43
N HIS A 111 1.66 3.21 -12.86
CA HIS A 111 0.96 3.48 -14.11
C HIS A 111 -0.40 4.10 -13.85
N PRO A 112 -0.88 4.97 -14.76
CA PRO A 112 -2.19 5.63 -14.62
C PRO A 112 -3.35 4.63 -14.73
N THR A 113 -3.29 3.79 -15.76
CA THR A 113 -4.33 2.79 -15.98
C THR A 113 -4.30 1.73 -14.88
N MET A 114 -3.14 1.57 -14.24
CA MET A 114 -2.97 0.59 -13.17
C MET A 114 -3.97 0.85 -12.04
N LEU A 115 -4.32 2.12 -11.85
CA LEU A 115 -5.27 2.51 -10.81
C LEU A 115 -6.67 2.07 -11.19
N GLN A 116 -7.10 2.47 -12.39
CA GLN A 116 -8.42 2.12 -12.90
C GLN A 116 -9.52 2.74 -12.04
N ASP A 117 -9.77 2.16 -10.88
CA ASP A 117 -10.80 2.66 -9.98
C ASP A 117 -10.42 4.05 -9.45
N PRO A 118 -11.32 5.03 -9.59
CA PRO A 118 -11.06 6.40 -9.13
C PRO A 118 -10.61 6.45 -7.67
N ASP A 119 -10.94 5.41 -6.92
CA ASP A 119 -10.56 5.34 -5.51
C ASP A 119 -9.09 5.02 -5.35
N VAL A 120 -8.64 3.96 -6.02
CA VAL A 120 -7.25 3.54 -5.93
C VAL A 120 -6.33 4.66 -6.38
N ARG A 121 -6.77 5.40 -7.38
CA ARG A 121 -5.99 6.51 -7.88
C ARG A 121 -5.76 7.53 -6.77
N GLU A 122 -6.70 7.60 -5.82
CA GLU A 122 -6.60 8.53 -4.70
C GLU A 122 -6.64 7.82 -3.36
N PHE A 123 -6.51 6.50 -3.37
CA PHE A 123 -6.55 5.72 -2.13
C PHE A 123 -5.17 5.73 -1.46
N LEU A 124 -4.13 5.77 -2.28
CA LEU A 124 -2.76 5.77 -1.78
C LEU A 124 -2.53 6.87 -0.74
N GLU A 125 -3.29 7.96 -0.86
CA GLU A 125 -3.16 9.08 0.07
C GLU A 125 -4.53 9.59 0.52
N LYS A 126 -5.54 8.74 0.43
CA LYS A 126 -6.90 9.11 0.83
C LYS A 126 -6.94 9.46 2.32
N GLU A 127 -7.74 10.46 2.66
CA GLU A 127 -7.87 10.88 4.06
C GLU A 127 -9.10 10.25 4.70
N GLU A 128 -10.15 10.07 3.90
CA GLU A 128 -11.39 9.48 4.40
C GLU A 128 -12.12 8.73 3.28
N GLN A 1 10.78 4.62 -14.02
CA GLN A 1 9.44 4.22 -13.51
C GLN A 1 8.65 5.42 -13.03
N PHE A 2 8.07 6.16 -13.98
CA PHE A 2 7.27 7.34 -13.65
C PHE A 2 8.12 8.35 -12.87
N ASP A 3 7.82 8.55 -11.58
CA ASP A 3 8.57 9.49 -10.76
C ASP A 3 7.93 9.66 -9.37
N LEU A 4 7.41 8.56 -8.83
CA LEU A 4 6.77 8.58 -7.52
C LEU A 4 7.63 7.84 -6.50
N THR A 5 7.64 8.32 -5.27
CA THR A 5 8.42 7.70 -4.21
C THR A 5 7.69 7.76 -2.87
N VAL A 6 7.38 6.59 -2.32
CA VAL A 6 6.69 6.50 -1.04
C VAL A 6 7.24 5.33 -0.22
N GLY A 7 7.76 5.63 0.95
CA GLY A 7 8.29 4.59 1.81
C GLY A 7 7.41 4.40 3.03
N ILE A 8 6.81 3.22 3.16
CA ILE A 8 5.93 2.98 4.29
C ILE A 8 6.74 2.72 5.57
N THR A 9 6.60 3.65 6.52
CA THR A 9 7.27 3.57 7.81
C THR A 9 6.53 4.41 8.82
N ASP A 10 6.65 4.07 10.12
CA ASP A 10 5.98 4.83 11.21
C ASP A 10 4.76 4.12 11.82
N PRO A 11 4.03 3.29 11.03
CA PRO A 11 2.82 2.60 11.51
C PRO A 11 2.86 2.20 12.97
N GLU A 12 2.24 3.04 13.80
CA GLU A 12 2.14 2.80 15.22
C GLU A 12 0.67 2.73 15.60
N LYS A 13 0.35 2.04 16.67
CA LYS A 13 -1.04 1.91 17.09
C LYS A 13 -1.59 3.24 17.58
N ILE A 14 -2.42 3.85 16.74
CA ILE A 14 -3.06 5.13 17.02
C ILE A 14 -4.06 5.02 18.17
N GLY A 15 -4.44 6.15 18.74
CA GLY A 15 -5.40 6.17 19.83
C GLY A 15 -4.83 5.65 21.13
N ASP A 16 -5.02 4.36 21.38
CA ASP A 16 -4.54 3.73 22.61
C ASP A 16 -5.42 4.09 23.79
N GLY A 17 -6.57 3.44 23.89
CA GLY A 17 -7.50 3.70 24.97
C GLY A 17 -8.92 3.33 24.64
N MET A 18 -9.26 3.39 23.35
CA MET A 18 -10.61 3.05 22.89
C MET A 18 -10.58 2.71 21.40
N ASN A 19 -10.53 1.42 21.08
CA ASN A 19 -10.50 0.98 19.69
C ASN A 19 -9.29 1.57 18.98
N ALA A 20 -8.09 1.17 19.42
CA ALA A 20 -6.86 1.67 18.83
C ALA A 20 -6.55 1.01 17.49
N TYR A 21 -6.02 1.81 16.57
CA TYR A 21 -5.66 1.35 15.24
C TYR A 21 -4.34 1.97 14.85
N VAL A 22 -3.57 1.30 14.00
CA VAL A 22 -2.31 1.88 13.57
C VAL A 22 -2.46 2.52 12.21
N ALA A 23 -1.71 3.58 12.02
CA ALA A 23 -1.73 4.36 10.80
C ALA A 23 -0.67 3.89 9.81
N TYR A 24 -0.61 4.56 8.66
CA TYR A 24 0.37 4.24 7.63
C TYR A 24 0.92 5.51 7.00
N LYS A 25 2.11 5.92 7.42
CA LYS A 25 2.71 7.13 6.91
C LYS A 25 3.30 6.92 5.52
N VAL A 26 2.47 7.14 4.51
CA VAL A 26 2.88 7.00 3.12
C VAL A 26 3.36 8.34 2.59
N THR A 27 4.67 8.56 2.63
CA THR A 27 5.23 9.82 2.17
C THR A 27 5.46 9.78 0.67
N THR A 28 4.38 9.71 -0.09
CA THR A 28 4.46 9.68 -1.54
C THR A 28 4.86 11.04 -2.09
N GLN A 29 5.77 11.04 -3.06
CA GLN A 29 6.24 12.28 -3.66
C GLN A 29 6.52 12.08 -5.14
N THR A 30 5.83 12.86 -5.97
CA THR A 30 6.01 12.79 -7.40
C THR A 30 5.98 14.18 -8.02
N SER A 31 7.16 14.70 -8.31
CA SER A 31 7.29 16.02 -8.90
C SER A 31 7.09 15.96 -10.42
N LEU A 32 5.91 15.51 -10.84
CA LEU A 32 5.60 15.40 -12.26
C LEU A 32 4.23 16.00 -12.55
N PRO A 33 4.05 16.57 -13.76
CA PRO A 33 2.78 17.18 -14.17
C PRO A 33 1.66 16.16 -14.31
N LEU A 34 1.26 15.58 -13.19
CA LEU A 34 0.19 14.58 -13.18
C LEU A 34 -0.65 14.65 -11.91
N PHE A 35 0.01 14.44 -10.77
CA PHE A 35 -0.68 14.49 -9.48
C PHE A 35 0.28 14.91 -8.37
N ARG A 36 -0.29 15.28 -7.22
CA ARG A 36 0.50 15.70 -6.06
C ARG A 36 1.21 17.03 -6.33
N SER A 37 2.21 16.99 -7.20
CA SER A 37 2.97 18.19 -7.55
C SER A 37 3.82 18.67 -6.37
N LYS A 38 3.14 19.08 -5.29
CA LYS A 38 3.83 19.57 -4.11
C LYS A 38 4.33 18.41 -3.24
N GLN A 39 3.70 17.25 -3.38
CA GLN A 39 4.09 16.06 -2.62
C GLN A 39 3.81 16.27 -1.13
N PHE A 40 3.78 15.18 -0.38
CA PHE A 40 3.52 15.24 1.07
C PHE A 40 3.35 13.84 1.64
N ALA A 41 3.00 13.77 2.92
CA ALA A 41 2.79 12.49 3.59
C ALA A 41 1.32 12.17 3.73
N VAL A 42 1.02 10.91 4.04
CA VAL A 42 -0.35 10.46 4.19
C VAL A 42 -0.44 9.35 5.25
N LYS A 43 -1.49 9.40 6.06
CA LYS A 43 -1.69 8.40 7.11
C LYS A 43 -3.09 7.78 7.02
N ARG A 44 -3.13 6.47 6.85
CA ARG A 44 -4.41 5.77 6.75
C ARG A 44 -4.36 4.43 7.48
N ARG A 45 -5.31 4.20 8.36
CA ARG A 45 -5.39 2.96 9.13
C ARG A 45 -5.48 1.75 8.20
N PHE A 46 -5.37 0.55 8.78
CA PHE A 46 -5.45 -0.67 8.00
C PHE A 46 -6.81 -0.82 7.34
N SER A 47 -7.85 -0.38 8.03
CA SER A 47 -9.21 -0.46 7.51
C SER A 47 -9.31 0.21 6.14
N ASP A 48 -8.79 1.42 6.04
CA ASP A 48 -8.82 2.17 4.79
C ASP A 48 -7.86 1.56 3.77
N PHE A 49 -6.62 1.35 4.19
CA PHE A 49 -5.61 0.77 3.33
C PHE A 49 -6.05 -0.61 2.82
N LEU A 50 -6.88 -1.28 3.60
CA LEU A 50 -7.39 -2.60 3.26
C LEU A 50 -8.05 -2.61 1.89
N GLY A 51 -8.69 -1.50 1.53
CA GLY A 51 -9.38 -1.41 0.25
C GLY A 51 -8.53 -1.89 -0.92
N LEU A 52 -7.35 -1.30 -1.09
CA LEU A 52 -6.46 -1.69 -2.17
C LEU A 52 -5.72 -2.97 -1.83
N TYR A 53 -5.38 -3.10 -0.56
CA TYR A 53 -4.66 -4.28 -0.08
C TYR A 53 -5.40 -5.56 -0.46
N GLU A 54 -6.71 -5.60 -0.19
CA GLU A 54 -7.52 -6.77 -0.51
C GLU A 54 -7.82 -6.84 -2.01
N LYS A 55 -8.04 -5.69 -2.63
CA LYS A 55 -8.34 -5.63 -4.05
C LYS A 55 -7.12 -6.02 -4.90
N LEU A 56 -5.96 -5.50 -4.51
CA LEU A 56 -4.73 -5.78 -5.22
C LEU A 56 -4.12 -7.11 -4.82
N SER A 57 -4.42 -7.56 -3.60
CA SER A 57 -3.88 -8.82 -3.10
C SER A 57 -4.23 -9.97 -4.05
N GLU A 58 -5.39 -9.86 -4.71
CA GLU A 58 -5.82 -10.89 -5.65
C GLU A 58 -4.80 -11.04 -6.78
N LYS A 59 -4.29 -9.92 -7.27
CA LYS A 59 -3.30 -9.90 -8.34
C LYS A 59 -1.88 -9.97 -7.79
N HIS A 60 -1.61 -9.15 -6.78
CA HIS A 60 -0.30 -9.10 -6.15
C HIS A 60 0.80 -8.77 -7.16
N SER A 61 1.42 -7.60 -7.00
CA SER A 61 2.47 -7.16 -7.90
C SER A 61 3.84 -7.44 -7.29
N GLN A 62 4.90 -6.99 -7.96
CA GLN A 62 6.26 -7.19 -7.48
C GLN A 62 7.28 -6.56 -8.43
N ASN A 63 7.47 -7.19 -9.59
CA ASN A 63 8.42 -6.68 -10.58
C ASN A 63 7.69 -6.27 -11.86
N GLY A 64 8.12 -5.15 -12.42
CA GLY A 64 7.50 -4.66 -13.65
C GLY A 64 7.34 -3.15 -13.67
N PHE A 65 6.12 -2.70 -13.93
CA PHE A 65 5.82 -1.26 -13.97
C PHE A 65 6.38 -0.63 -15.25
N ILE A 66 7.70 -0.66 -15.39
CA ILE A 66 8.35 -0.08 -16.56
C ILE A 66 8.54 -1.12 -17.67
N VAL A 67 7.52 -1.94 -17.89
CA VAL A 67 7.57 -2.97 -18.92
C VAL A 67 6.30 -2.96 -19.78
N PRO A 68 6.44 -3.11 -21.12
CA PRO A 68 5.32 -3.12 -22.04
C PRO A 68 4.13 -3.95 -21.54
N PRO A 69 4.36 -5.21 -21.11
CA PRO A 69 3.30 -6.09 -20.61
C PRO A 69 2.21 -5.35 -19.84
N PRO A 70 0.98 -5.89 -19.85
CA PRO A 70 -0.16 -5.29 -19.14
C PRO A 70 0.11 -5.10 -17.65
N PRO A 71 -0.87 -4.52 -16.92
CA PRO A 71 -0.73 -4.28 -15.48
C PRO A 71 -0.60 -5.57 -14.68
N GLU A 72 -1.61 -6.43 -14.79
CA GLU A 72 -1.62 -7.69 -14.06
C GLU A 72 -0.54 -8.64 -14.59
N LYS A 73 0.72 -8.32 -14.28
CA LYS A 73 1.84 -9.14 -14.71
C LYS A 73 2.79 -9.42 -13.55
N SER A 74 2.25 -10.01 -12.49
CA SER A 74 3.05 -10.34 -11.31
C SER A 74 2.23 -11.15 -10.31
N LEU A 75 2.87 -11.56 -9.23
CA LEU A 75 2.20 -12.35 -8.19
C LEU A 75 2.98 -12.32 -6.88
N ILE A 76 3.69 -11.22 -6.64
CA ILE A 76 4.49 -11.06 -5.42
C ILE A 76 5.32 -12.31 -5.13
N GLY A 77 5.97 -12.33 -3.97
CA GLY A 77 6.79 -13.47 -3.60
C GLY A 77 8.21 -13.08 -3.26
N MET A 78 9.13 -13.34 -4.17
CA MET A 78 10.54 -13.02 -3.98
C MET A 78 11.15 -13.90 -2.89
N THR A 79 10.71 -13.70 -1.65
CA THR A 79 11.20 -14.48 -0.53
C THR A 79 10.06 -15.15 0.23
N LYS A 80 9.94 -16.45 0.04
CA LYS A 80 8.88 -17.22 0.70
C LYS A 80 9.03 -17.17 2.21
N VAL A 81 7.91 -17.07 2.91
CA VAL A 81 7.91 -17.01 4.36
C VAL A 81 6.76 -17.83 4.95
N LYS A 82 6.46 -18.96 4.31
CA LYS A 82 5.39 -19.84 4.76
C LYS A 82 5.95 -21.13 5.33
N VAL A 83 5.51 -21.48 6.53
CA VAL A 83 5.97 -22.70 7.19
C VAL A 83 7.47 -22.63 7.49
N GLY A 84 7.84 -21.73 8.40
CA GLY A 84 9.23 -21.58 8.76
C GLY A 84 9.72 -22.66 9.70
N LYS A 85 10.19 -22.26 10.87
CA LYS A 85 10.68 -23.21 11.87
C LYS A 85 9.56 -23.65 12.81
N GLU A 86 9.23 -22.78 13.76
CA GLU A 86 8.17 -23.07 14.72
C GLU A 86 7.42 -21.81 15.11
N ASP A 87 6.32 -21.97 15.85
CA ASP A 87 5.52 -20.85 16.29
C ASP A 87 4.99 -20.06 15.10
N SER A 88 3.96 -19.25 15.33
CA SER A 88 3.37 -18.43 14.28
C SER A 88 3.86 -16.99 14.37
N SER A 89 4.96 -16.70 13.68
CA SER A 89 5.53 -15.37 13.68
C SER A 89 4.53 -14.34 13.15
N SER A 90 3.94 -13.57 14.06
CA SER A 90 2.98 -12.55 13.69
C SER A 90 3.56 -11.15 13.87
N ALA A 91 4.43 -11.01 14.86
CA ALA A 91 5.07 -9.72 15.13
C ALA A 91 5.84 -9.22 13.92
N GLU A 92 6.61 -10.11 13.30
CA GLU A 92 7.41 -9.76 12.14
C GLU A 92 6.51 -9.49 10.93
N PHE A 93 5.35 -10.13 10.91
CA PHE A 93 4.41 -9.96 9.82
C PHE A 93 4.02 -8.50 9.65
N LEU A 94 3.90 -7.79 10.76
CA LEU A 94 3.54 -6.38 10.74
C LEU A 94 4.60 -5.56 9.99
N GLU A 95 5.86 -5.95 10.16
CA GLU A 95 6.97 -5.26 9.51
C GLU A 95 6.95 -5.53 8.00
N LYS A 96 6.75 -6.79 7.64
CA LYS A 96 6.72 -7.18 6.24
C LYS A 96 5.56 -6.49 5.52
N ARG A 97 4.48 -6.22 6.25
CA ARG A 97 3.31 -5.57 5.69
C ARG A 97 3.65 -4.15 5.23
N ARG A 98 4.60 -3.52 5.93
CA ARG A 98 5.02 -2.16 5.59
C ARG A 98 5.70 -2.15 4.23
N ALA A 99 6.70 -3.01 4.08
CA ALA A 99 7.44 -3.12 2.84
C ALA A 99 6.52 -3.52 1.69
N ALA A 100 5.82 -4.64 1.86
CA ALA A 100 4.89 -5.12 0.84
C ALA A 100 3.85 -4.07 0.52
N LEU A 101 3.52 -3.24 1.51
CA LEU A 101 2.53 -2.20 1.33
C LEU A 101 2.96 -1.25 0.21
N GLU A 102 4.24 -0.91 0.19
CA GLU A 102 4.77 -0.01 -0.84
C GLU A 102 4.86 -0.73 -2.18
N ARG A 103 5.29 -1.99 -2.14
CA ARG A 103 5.44 -2.77 -3.37
C ARG A 103 4.10 -2.84 -4.10
N TYR A 104 3.05 -3.18 -3.36
CA TYR A 104 1.72 -3.26 -3.94
C TYR A 104 1.20 -1.87 -4.28
N LEU A 105 1.62 -0.87 -3.51
CA LEU A 105 1.18 0.50 -3.74
C LEU A 105 1.87 1.15 -4.94
N GLN A 106 3.16 0.88 -5.11
CA GLN A 106 3.93 1.46 -6.20
C GLN A 106 3.28 1.23 -7.56
N ARG A 107 2.49 0.17 -7.67
CA ARG A 107 1.85 -0.14 -8.95
C ARG A 107 0.74 0.85 -9.29
N ILE A 108 -0.16 1.11 -8.35
CA ILE A 108 -1.26 2.05 -8.59
C ILE A 108 -0.74 3.47 -8.69
N VAL A 109 0.15 3.84 -7.78
CA VAL A 109 0.74 5.18 -7.81
C VAL A 109 1.50 5.37 -9.12
N ASN A 110 2.13 4.29 -9.58
CA ASN A 110 2.89 4.33 -10.83
C ASN A 110 2.08 4.98 -11.95
N HIS A 111 1.19 4.20 -12.58
CA HIS A 111 0.37 4.72 -13.66
C HIS A 111 -1.06 4.99 -13.19
N PRO A 112 -1.64 6.15 -13.56
CA PRO A 112 -3.00 6.51 -13.17
C PRO A 112 -4.04 5.67 -13.91
N THR A 113 -3.80 5.44 -15.20
CA THR A 113 -4.71 4.66 -16.03
C THR A 113 -4.56 3.16 -15.77
N MET A 114 -3.40 2.76 -15.27
CA MET A 114 -3.13 1.35 -14.99
C MET A 114 -4.21 0.75 -14.09
N LEU A 115 -4.54 1.46 -13.01
CA LEU A 115 -5.55 0.97 -12.09
C LEU A 115 -6.96 1.29 -12.58
N GLN A 116 -7.20 2.55 -12.94
CA GLN A 116 -8.51 2.98 -13.42
C GLN A 116 -9.58 2.82 -12.35
N ASP A 117 -9.16 2.62 -11.11
CA ASP A 117 -10.09 2.47 -10.00
C ASP A 117 -10.33 3.81 -9.33
N PRO A 118 -11.57 4.33 -9.40
CA PRO A 118 -11.92 5.62 -8.80
C PRO A 118 -11.46 5.73 -7.34
N ASP A 119 -11.63 4.65 -6.58
CA ASP A 119 -11.23 4.65 -5.18
C ASP A 119 -9.72 4.51 -5.05
N VAL A 120 -9.16 3.55 -5.77
CA VAL A 120 -7.74 3.29 -5.73
C VAL A 120 -6.96 4.52 -6.14
N ARG A 121 -7.44 5.19 -7.17
CA ARG A 121 -6.80 6.40 -7.65
C ARG A 121 -6.66 7.41 -6.52
N GLU A 122 -7.58 7.36 -5.55
CA GLU A 122 -7.54 8.28 -4.42
C GLU A 122 -7.44 7.56 -3.09
N PHE A 123 -7.18 6.25 -3.13
CA PHE A 123 -7.06 5.46 -1.91
C PHE A 123 -5.67 5.59 -1.30
N LEU A 124 -4.66 5.51 -2.15
CA LEU A 124 -3.27 5.62 -1.71
C LEU A 124 -3.01 6.96 -1.03
N GLU A 125 -3.75 7.98 -1.46
CA GLU A 125 -3.61 9.32 -0.89
C GLU A 125 -4.95 9.84 -0.39
N LYS A 126 -5.78 8.94 0.10
CA LYS A 126 -7.10 9.32 0.62
C LYS A 126 -6.95 10.30 1.78
N GLU A 127 -7.15 11.58 1.50
CA GLU A 127 -7.05 12.61 2.52
C GLU A 127 -8.39 12.87 3.19
N GLU A 128 -9.47 12.66 2.42
CA GLU A 128 -10.81 12.87 2.94
C GLU A 128 -11.02 14.32 3.34
#